data_6O6I
#
_entry.id   6O6I
#
_entity_poly.entity_id   1
_entity_poly.type   'polypeptide(L)'
_entity_poly.pdbx_seq_one_letter_code
;PGCLPAYDALAGQFIEASSREARQAILKQGQDGLSGVKETDKKWASQYLKIMGKILDQGEDFPASELARISKLIENKMSE
GKKEELQRSLNILTAFRKKGAEKEEL
;
_entity_poly.pdbx_strand_id   A
#
# COMPACT_ATOMS: atom_id res chain seq x y z
N PRO A 1 5.94 11.05 7.99
CA PRO A 1 5.29 9.95 7.28
C PRO A 1 4.54 9.04 8.23
N GLY A 2 3.69 8.18 7.68
CA GLY A 2 2.89 7.27 8.50
C GLY A 2 2.16 6.25 7.63
N CYS A 3 1.10 5.67 8.16
CA CYS A 3 0.36 4.63 7.46
C CYS A 3 -1.05 4.48 8.03
N LEU A 4 -1.84 3.60 7.42
CA LEU A 4 -3.15 3.23 7.96
C LEU A 4 -3.16 1.79 8.44
N PRO A 5 -3.00 1.60 9.74
CA PRO A 5 -2.98 0.26 10.32
C PRO A 5 -4.18 -0.56 9.87
N ALA A 6 -5.31 0.12 9.68
CA ALA A 6 -6.53 -0.54 9.23
C ALA A 6 -6.33 -1.20 7.87
N TYR A 7 -5.61 -0.51 6.98
CA TYR A 7 -5.44 -1.00 5.62
C TYR A 7 -4.17 -1.83 5.49
N ASP A 8 -3.26 -1.66 6.44
CA ASP A 8 -2.11 -2.56 6.58
C ASP A 8 -2.55 -3.97 6.94
N ALA A 9 -3.57 -4.06 7.81
CA ALA A 9 -4.19 -5.34 8.11
C ALA A 9 -4.84 -5.94 6.87
N LEU A 10 -5.57 -5.11 6.12
CA LEU A 10 -6.18 -5.55 4.88
C LEU A 10 -5.13 -5.96 3.86
N ALA A 11 -4.04 -5.21 3.81
CA ALA A 11 -2.93 -5.52 2.91
C ALA A 11 -2.39 -6.92 3.16
N GLY A 12 -2.18 -7.25 4.42
CA GLY A 12 -1.77 -8.60 4.82
C GLY A 12 -2.78 -9.63 4.33
N GLN A 13 -4.04 -9.42 4.67
CA GLN A 13 -5.10 -10.36 4.30
C GLN A 13 -5.20 -10.49 2.78
N PHE A 14 -4.95 -9.39 2.08
CA PHE A 14 -5.07 -9.37 0.63
C PHE A 14 -3.98 -10.22 -0.03
N ILE A 15 -2.73 -9.88 0.25
CA ILE A 15 -1.61 -10.41 -0.52
C ILE A 15 -1.34 -11.86 -0.19
N GLU A 16 -1.76 -12.28 1.00
CA GLU A 16 -1.54 -13.65 1.46
C GLU A 16 -2.67 -14.57 1.00
N ALA A 17 -3.65 -14.00 0.32
CA ALA A 17 -4.78 -14.77 -0.18
C ALA A 17 -4.49 -15.38 -1.54
N SER A 18 -4.63 -16.70 -1.64
CA SER A 18 -4.39 -17.41 -2.89
C SER A 18 -5.62 -17.35 -3.80
N SER A 19 -6.75 -16.93 -3.22
CA SER A 19 -8.00 -16.85 -3.98
C SER A 19 -8.26 -15.43 -4.45
N ARG A 20 -8.46 -15.29 -5.77
CA ARG A 20 -8.75 -13.99 -6.36
C ARG A 20 -10.03 -13.39 -5.76
N GLU A 21 -11.03 -14.24 -5.55
CA GLU A 21 -12.29 -13.80 -4.96
C GLU A 21 -12.09 -13.31 -3.54
N ALA A 22 -11.27 -14.02 -2.78
CA ALA A 22 -10.92 -13.61 -1.42
C ALA A 22 -10.20 -12.27 -1.43
N ARG A 23 -9.29 -12.08 -2.37
CA ARG A 23 -8.58 -10.82 -2.51
C ARG A 23 -9.53 -9.67 -2.77
N GLN A 24 -10.46 -9.88 -3.68
CA GLN A 24 -11.46 -8.85 -4.01
C GLN A 24 -12.32 -8.51 -2.81
N ALA A 25 -12.65 -9.53 -2.02
CA ALA A 25 -13.44 -9.33 -0.81
C ALA A 25 -12.71 -8.42 0.18
N ILE A 26 -11.42 -8.65 0.33
CA ILE A 26 -10.61 -7.85 1.24
C ILE A 26 -10.52 -6.39 0.78
N LEU A 27 -10.35 -6.21 -0.53
CA LEU A 27 -10.38 -4.89 -1.13
C LEU A 27 -11.69 -4.17 -0.84
N LYS A 28 -12.80 -4.88 -1.08
CA LYS A 28 -14.13 -4.31 -0.85
C LYS A 28 -14.27 -3.79 0.57
N GLN A 29 -13.79 -4.58 1.53
CA GLN A 29 -13.85 -4.19 2.94
C GLN A 29 -13.19 -2.83 3.16
N GLY A 30 -12.04 -2.62 2.53
CA GLY A 30 -11.36 -1.34 2.59
C GLY A 30 -12.17 -0.25 1.89
N GLN A 31 -12.78 -0.61 0.76
CA GLN A 31 -13.61 0.33 0.01
C GLN A 31 -14.82 0.78 0.82
N ASP A 32 -15.41 -0.16 1.55
CA ASP A 32 -16.56 0.14 2.40
C ASP A 32 -16.14 0.82 3.69
N GLY A 33 -14.94 0.48 4.16
CA GLY A 33 -14.45 0.98 5.45
C GLY A 33 -14.14 2.47 5.37
N LEU A 34 -14.16 3.01 4.17
CA LEU A 34 -13.88 4.44 3.95
C LEU A 34 -14.84 5.31 4.74
N SER A 35 -16.00 4.75 5.07
CA SER A 35 -17.02 5.49 5.81
C SER A 35 -16.52 5.87 7.21
N GLY A 36 -15.47 5.18 7.66
CA GLY A 36 -14.91 5.43 8.99
C GLY A 36 -13.52 6.05 8.89
N VAL A 37 -13.17 6.51 7.70
CA VAL A 37 -11.84 7.06 7.45
C VAL A 37 -11.89 8.58 7.32
N LYS A 38 -10.98 9.25 8.02
CA LYS A 38 -10.94 10.71 8.02
C LYS A 38 -10.59 11.24 6.63
N GLU A 39 -11.03 12.46 6.34
CA GLU A 39 -10.83 13.05 5.03
C GLU A 39 -9.34 13.14 4.69
N THR A 40 -8.52 13.39 5.70
CA THR A 40 -7.08 13.37 5.53
C THR A 40 -6.57 11.95 5.28
N ASP A 41 -7.09 11.00 6.05
CA ASP A 41 -6.62 9.62 5.97
C ASP A 41 -6.99 9.00 4.62
N LYS A 42 -8.07 9.49 4.03
CA LYS A 42 -8.51 9.00 2.72
C LYS A 42 -7.43 9.19 1.67
N LYS A 43 -6.54 10.13 1.91
CA LYS A 43 -5.44 10.40 0.98
C LYS A 43 -4.50 9.21 0.89
N TRP A 44 -4.51 8.37 1.92
CA TRP A 44 -3.70 7.16 1.92
C TRP A 44 -4.55 5.94 1.58
N ALA A 45 -5.78 5.92 2.09
CA ALA A 45 -6.69 4.80 1.88
C ALA A 45 -6.92 4.55 0.40
N SER A 46 -7.00 5.63 -0.38
CA SER A 46 -7.15 5.53 -1.82
C SER A 46 -5.98 4.77 -2.44
N GLN A 47 -4.78 5.03 -1.94
CA GLN A 47 -3.58 4.39 -2.46
C GLN A 47 -3.56 2.89 -2.16
N TYR A 48 -3.90 2.54 -0.93
CA TYR A 48 -4.02 1.15 -0.53
C TYR A 48 -4.89 0.37 -1.51
N LEU A 49 -6.09 0.89 -1.77
CA LEU A 49 -7.08 0.17 -2.56
C LEU A 49 -6.64 0.05 -4.02
N LYS A 50 -6.08 1.13 -4.55
CA LYS A 50 -5.58 1.14 -5.91
C LYS A 50 -4.45 0.12 -6.09
N ILE A 51 -3.57 0.05 -5.11
CA ILE A 51 -2.47 -0.91 -5.13
C ILE A 51 -3.01 -2.34 -5.09
N MET A 52 -3.98 -2.58 -4.23
CA MET A 52 -4.64 -3.89 -4.16
C MET A 52 -5.19 -4.30 -5.52
N GLY A 53 -5.83 -3.36 -6.20
CA GLY A 53 -6.41 -3.62 -7.52
C GLY A 53 -5.36 -4.14 -8.49
N LYS A 54 -4.14 -3.64 -8.38
CA LYS A 54 -3.05 -4.05 -9.25
C LYS A 54 -2.47 -5.39 -8.80
N ILE A 55 -2.27 -5.53 -7.49
CA ILE A 55 -1.70 -6.75 -6.94
C ILE A 55 -2.55 -7.96 -7.28
N LEU A 56 -3.86 -7.77 -7.30
CA LEU A 56 -4.78 -8.86 -7.65
C LEU A 56 -4.22 -9.72 -8.77
N ASP A 57 -3.63 -9.08 -9.77
CA ASP A 57 -3.12 -9.80 -10.94
C ASP A 57 -1.61 -9.92 -10.90
N GLN A 58 -0.94 -8.89 -10.41
CA GLN A 58 0.50 -8.76 -10.56
C GLN A 58 1.23 -9.40 -9.39
N GLY A 59 0.54 -9.53 -8.26
CA GLY A 59 1.15 -10.04 -7.04
C GLY A 59 2.04 -8.98 -6.39
N GLU A 60 2.86 -9.40 -5.44
CA GLU A 60 3.69 -8.49 -4.67
C GLU A 60 4.76 -7.84 -5.54
N ASP A 61 4.89 -8.34 -6.77
CA ASP A 61 5.88 -7.80 -7.70
C ASP A 61 5.61 -6.34 -8.00
N PHE A 62 4.34 -5.95 -7.95
CA PHE A 62 3.93 -4.61 -8.36
C PHE A 62 4.45 -3.56 -7.39
N PRO A 63 4.09 -3.70 -6.12
CA PRO A 63 4.54 -2.77 -5.09
C PRO A 63 6.05 -2.86 -4.88
N ALA A 64 6.61 -4.02 -5.17
CA ALA A 64 8.05 -4.21 -5.10
C ALA A 64 8.78 -3.33 -6.11
N SER A 65 8.24 -3.28 -7.33
CA SER A 65 8.78 -2.40 -8.37
C SER A 65 8.60 -0.93 -7.99
N GLU A 66 7.46 -0.61 -7.41
CA GLU A 66 7.17 0.76 -7.00
C GLU A 66 8.09 1.21 -5.88
N LEU A 67 8.39 0.29 -4.97
CA LEU A 67 9.34 0.56 -3.89
C LEU A 67 10.71 0.94 -4.44
N ALA A 68 11.15 0.21 -5.47
CA ALA A 68 12.40 0.53 -6.15
C ALA A 68 12.35 1.91 -6.78
N ARG A 69 11.22 2.24 -7.38
CA ARG A 69 11.04 3.55 -8.01
C ARG A 69 11.12 4.66 -6.98
N ILE A 70 10.35 4.53 -5.91
CA ILE A 70 10.29 5.55 -4.86
C ILE A 70 11.65 5.73 -4.20
N SER A 71 12.33 4.61 -3.94
CA SER A 71 13.65 4.65 -3.33
C SER A 71 14.64 5.44 -4.19
N LYS A 72 14.63 5.17 -5.48
CA LYS A 72 15.52 5.87 -6.42
C LYS A 72 15.25 7.36 -6.43
N LEU A 73 13.97 7.71 -6.37
CA LEU A 73 13.57 9.11 -6.36
C LEU A 73 14.11 9.84 -5.14
N ILE A 74 14.13 9.15 -4.01
CA ILE A 74 14.67 9.71 -2.78
C ILE A 74 16.16 10.02 -2.92
N GLU A 75 16.89 9.11 -3.55
CA GLU A 75 18.31 9.32 -3.83
C GLU A 75 18.50 10.39 -4.90
N ASN A 76 17.52 10.52 -5.79
CA ASN A 76 17.61 11.48 -6.88
C ASN A 76 17.48 12.92 -6.37
N LYS A 77 17.74 13.87 -7.25
CA LYS A 77 17.70 15.28 -6.87
C LYS A 77 16.27 15.80 -6.79
N MET A 78 15.55 15.37 -5.76
CA MET A 78 14.18 15.81 -5.54
C MET A 78 14.13 16.98 -4.56
N SER A 79 13.11 17.82 -4.70
CA SER A 79 12.89 18.92 -3.76
C SER A 79 12.45 18.41 -2.40
N GLU A 80 12.63 19.24 -1.37
CA GLU A 80 12.32 18.85 -0.01
C GLU A 80 10.84 18.49 0.14
N GLY A 81 9.99 19.21 -0.58
CA GLY A 81 8.55 19.06 -0.43
C GLY A 81 8.10 17.66 -0.84
N LYS A 82 8.92 17.00 -1.66
CA LYS A 82 8.56 15.70 -2.20
C LYS A 82 9.04 14.57 -1.31
N LYS A 83 9.98 14.88 -0.43
CA LYS A 83 10.61 13.87 0.42
C LYS A 83 9.59 13.22 1.34
N GLU A 84 8.63 14.00 1.81
CA GLU A 84 7.56 13.49 2.66
C GLU A 84 6.67 12.51 1.91
N GLU A 85 6.32 12.87 0.67
CA GLU A 85 5.45 12.03 -0.15
C GLU A 85 6.13 10.71 -0.48
N LEU A 86 7.43 10.77 -0.74
CA LEU A 86 8.20 9.57 -1.07
C LEU A 86 8.27 8.63 0.12
N GLN A 87 8.50 9.18 1.31
CA GLN A 87 8.55 8.40 2.53
C GLN A 87 7.20 7.76 2.83
N ARG A 88 6.12 8.52 2.63
CA ARG A 88 4.78 8.01 2.81
C ARG A 88 4.49 6.88 1.83
N SER A 89 4.97 7.02 0.60
CA SER A 89 4.76 6.01 -0.43
C SER A 89 5.40 4.68 -0.03
N LEU A 90 6.60 4.76 0.54
CA LEU A 90 7.31 3.56 0.95
C LEU A 90 6.53 2.76 1.97
N ASN A 91 5.95 3.46 2.95
CA ASN A 91 5.20 2.81 4.02
C ASN A 91 4.01 2.03 3.46
N ILE A 92 3.24 2.68 2.60
CA ILE A 92 2.04 2.06 2.03
C ILE A 92 2.41 0.87 1.16
N LEU A 93 3.43 1.05 0.33
CA LEU A 93 3.87 -0.01 -0.58
C LEU A 93 4.45 -1.18 0.19
N THR A 94 5.23 -0.88 1.23
CA THR A 94 5.88 -1.91 2.02
C THR A 94 4.86 -2.84 2.68
N ALA A 95 3.70 -2.28 3.04
CA ALA A 95 2.66 -3.04 3.70
C ALA A 95 2.23 -4.24 2.87
N PHE A 96 2.50 -4.16 1.57
CA PHE A 96 2.02 -5.18 0.63
C PHE A 96 3.11 -6.19 0.30
N ARG A 97 4.18 -6.16 1.08
CA ARG A 97 5.23 -7.17 0.97
C ARG A 97 4.84 -8.45 1.71
N LYS A 98 4.99 -9.58 1.03
CA LYS A 98 4.58 -10.87 1.59
C LYS A 98 5.25 -11.11 2.94
N LYS A 99 4.46 -11.56 3.92
CA LYS A 99 4.95 -11.77 5.27
C LYS A 99 6.12 -12.76 5.28
N GLY A 100 7.21 -12.37 5.93
CA GLY A 100 8.36 -13.24 6.08
C GLY A 100 9.39 -13.01 4.98
N ALA A 101 8.97 -12.29 3.94
CA ALA A 101 9.85 -11.99 2.81
C ALA A 101 10.98 -11.05 3.22
N GLU A 102 12.15 -11.24 2.64
CA GLU A 102 13.27 -10.34 2.86
C GLU A 102 12.93 -8.92 2.41
N LYS A 103 13.21 -7.95 3.28
CA LYS A 103 12.96 -6.55 2.96
C LYS A 103 14.20 -5.89 2.37
N GLU A 104 14.04 -5.25 1.21
CA GLU A 104 15.12 -4.55 0.56
C GLU A 104 15.31 -3.16 1.13
N GLU A 105 16.54 -2.64 1.05
CA GLU A 105 16.82 -1.27 1.45
C GLU A 105 15.98 -0.27 0.67
N LEU A 106 15.35 0.65 1.39
CA LEU A 106 14.48 1.64 0.77
C LEU A 106 15.01 3.05 0.98
N PRO A 1 -3.73 9.43 10.84
CA PRO A 1 -3.31 8.13 10.35
C PRO A 1 -4.06 7.00 11.05
N GLY A 2 -5.28 7.29 11.46
CA GLY A 2 -5.99 6.42 12.40
C GLY A 2 -6.60 5.22 11.70
N CYS A 3 -6.52 5.21 10.37
CA CYS A 3 -7.09 4.14 9.58
C CYS A 3 -6.02 3.16 9.12
N LEU A 4 -4.76 3.54 9.31
CA LEU A 4 -3.64 2.80 8.73
C LEU A 4 -3.56 1.39 9.32
N PRO A 5 -3.69 1.29 10.63
CA PRO A 5 -3.65 0.00 11.31
C PRO A 5 -4.58 -1.00 10.65
N ALA A 6 -5.78 -0.56 10.32
CA ALA A 6 -6.78 -1.43 9.70
C ALA A 6 -6.35 -1.85 8.30
N TYR A 7 -5.85 -0.89 7.52
CA TYR A 7 -5.49 -1.14 6.14
C TYR A 7 -4.26 -2.03 6.04
N ASP A 8 -3.33 -1.85 6.98
CA ASP A 8 -2.13 -2.67 7.03
C ASP A 8 -2.48 -4.14 7.27
N ALA A 9 -3.46 -4.37 8.15
CA ALA A 9 -3.95 -5.71 8.40
C ALA A 9 -4.56 -6.31 7.14
N LEU A 10 -5.31 -5.51 6.41
CA LEU A 10 -5.92 -5.95 5.16
C LEU A 10 -4.87 -6.26 4.10
N ALA A 11 -3.81 -5.44 4.07
CA ALA A 11 -2.73 -5.61 3.11
C ALA A 11 -2.09 -6.98 3.25
N GLY A 12 -1.84 -7.39 4.49
CA GLY A 12 -1.34 -8.73 4.78
C GLY A 12 -2.28 -9.79 4.25
N GLN A 13 -3.55 -9.69 4.62
CA GLN A 13 -4.56 -10.66 4.18
C GLN A 13 -4.67 -10.69 2.66
N PHE A 14 -4.48 -9.53 2.04
CA PHE A 14 -4.64 -9.41 0.60
C PHE A 14 -3.56 -10.19 -0.14
N ILE A 15 -2.31 -9.86 0.13
CA ILE A 15 -1.19 -10.40 -0.63
C ILE A 15 -1.00 -11.88 -0.36
N GLU A 16 -1.37 -12.30 0.85
CA GLU A 16 -1.17 -13.69 1.27
C GLU A 16 -2.32 -14.57 0.82
N ALA A 17 -3.32 -13.96 0.18
CA ALA A 17 -4.48 -14.69 -0.30
C ALA A 17 -4.25 -15.27 -1.69
N SER A 18 -4.21 -16.59 -1.77
CA SER A 18 -4.02 -17.27 -3.05
C SER A 18 -5.33 -17.34 -3.83
N SER A 19 -6.43 -17.05 -3.16
CA SER A 19 -7.75 -17.10 -3.79
C SER A 19 -8.14 -15.74 -4.36
N ARG A 20 -8.56 -15.73 -5.61
CA ARG A 20 -9.01 -14.49 -6.26
C ARG A 20 -10.19 -13.88 -5.51
N GLU A 21 -11.14 -14.73 -5.13
CA GLU A 21 -12.32 -14.27 -4.41
C GLU A 21 -11.96 -13.69 -3.05
N ALA A 22 -11.00 -14.33 -2.38
CA ALA A 22 -10.51 -13.87 -1.09
C ALA A 22 -9.93 -12.47 -1.19
N ARG A 23 -9.14 -12.24 -2.24
CA ARG A 23 -8.57 -10.92 -2.49
C ARG A 23 -9.65 -9.88 -2.74
N GLN A 24 -10.66 -10.26 -3.51
CA GLN A 24 -11.77 -9.35 -3.81
C GLN A 24 -12.55 -9.00 -2.55
N ALA A 25 -12.72 -9.98 -1.67
CA ALA A 25 -13.38 -9.76 -0.39
C ALA A 25 -12.61 -8.75 0.45
N ILE A 26 -11.29 -8.90 0.51
CA ILE A 26 -10.44 -7.98 1.24
C ILE A 26 -10.46 -6.59 0.63
N LEU A 27 -10.44 -6.54 -0.71
CA LEU A 27 -10.53 -5.27 -1.42
C LEU A 27 -11.81 -4.54 -1.07
N LYS A 28 -12.93 -5.25 -1.10
CA LYS A 28 -14.22 -4.66 -0.75
C LYS A 28 -14.20 -4.09 0.66
N GLN A 29 -13.65 -4.84 1.59
CA GLN A 29 -13.55 -4.41 2.98
C GLN A 29 -12.79 -3.10 3.10
N GLY A 30 -11.71 -2.97 2.33
CA GLY A 30 -10.94 -1.74 2.28
C GLY A 30 -11.78 -0.60 1.71
N GLN A 31 -12.41 -0.85 0.56
CA GLN A 31 -13.17 0.18 -0.14
C GLN A 31 -14.34 0.66 0.70
N ASP A 32 -14.99 -0.28 1.39
CA ASP A 32 -16.09 0.06 2.29
C ASP A 32 -15.58 0.80 3.52
N GLY A 33 -14.45 0.35 4.05
CA GLY A 33 -13.84 0.98 5.22
C GLY A 33 -13.52 2.44 4.95
N LEU A 34 -13.24 2.76 3.69
CA LEU A 34 -12.92 4.13 3.30
C LEU A 34 -13.96 5.11 3.80
N SER A 35 -15.21 4.66 3.86
CA SER A 35 -16.32 5.53 4.21
C SER A 35 -16.21 6.02 5.65
N GLY A 36 -15.38 5.34 6.44
CA GLY A 36 -15.23 5.66 7.85
C GLY A 36 -13.91 6.35 8.12
N VAL A 37 -13.20 6.70 7.06
CA VAL A 37 -11.87 7.30 7.17
C VAL A 37 -11.96 8.82 7.15
N LYS A 38 -11.32 9.46 8.11
CA LYS A 38 -11.32 10.92 8.20
C LYS A 38 -10.66 11.55 6.98
N GLU A 39 -11.11 12.74 6.61
CA GLU A 39 -10.61 13.42 5.42
C GLU A 39 -9.08 13.47 5.43
N THR A 40 -8.51 13.70 6.61
CA THR A 40 -7.06 13.88 6.73
C THR A 40 -6.32 12.59 6.42
N ASP A 41 -7.00 11.46 6.60
CA ASP A 41 -6.40 10.15 6.32
C ASP A 41 -6.94 9.57 5.02
N LYS A 42 -8.03 10.14 4.53
CA LYS A 42 -8.68 9.63 3.33
C LYS A 42 -7.73 9.63 2.14
N LYS A 43 -6.87 10.65 2.07
CA LYS A 43 -5.89 10.75 1.01
C LYS A 43 -4.99 9.52 0.97
N TRP A 44 -4.46 9.14 2.13
CA TRP A 44 -3.62 7.95 2.23
C TRP A 44 -4.41 6.69 1.87
N ALA A 45 -5.63 6.58 2.42
CA ALA A 45 -6.47 5.42 2.18
C ALA A 45 -6.80 5.28 0.70
N SER A 46 -7.02 6.41 0.04
CA SER A 46 -7.30 6.41 -1.40
C SER A 46 -6.12 5.87 -2.19
N GLN A 47 -4.93 6.34 -1.87
CA GLN A 47 -3.71 5.84 -2.48
C GLN A 47 -3.50 4.36 -2.17
N TYR A 48 -3.79 3.98 -0.93
CA TYR A 48 -3.65 2.59 -0.51
C TYR A 48 -4.48 1.66 -1.39
N LEU A 49 -5.75 2.00 -1.58
CA LEU A 49 -6.67 1.14 -2.31
C LEU A 49 -6.27 1.03 -3.78
N LYS A 50 -5.74 2.11 -4.32
CA LYS A 50 -5.25 2.11 -5.70
C LYS A 50 -4.12 1.11 -5.88
N ILE A 51 -3.21 1.07 -4.91
CA ILE A 51 -2.12 0.09 -4.91
C ILE A 51 -2.66 -1.33 -4.80
N MET A 52 -3.64 -1.53 -3.92
CA MET A 52 -4.28 -2.82 -3.77
C MET A 52 -4.91 -3.28 -5.08
N GLY A 53 -5.58 -2.37 -5.76
CA GLY A 53 -6.25 -2.68 -7.02
C GLY A 53 -5.28 -3.23 -8.05
N LYS A 54 -4.07 -2.67 -8.06
CA LYS A 54 -3.02 -3.13 -8.98
C LYS A 54 -2.48 -4.49 -8.58
N ILE A 55 -2.23 -4.66 -7.29
CA ILE A 55 -1.68 -5.90 -6.78
C ILE A 55 -2.60 -7.09 -7.05
N LEU A 56 -3.91 -6.82 -7.02
CA LEU A 56 -4.90 -7.84 -7.32
C LEU A 56 -4.44 -8.73 -8.47
N ASP A 57 -3.87 -8.12 -9.49
CA ASP A 57 -3.45 -8.85 -10.69
C ASP A 57 -1.93 -9.05 -10.71
N GLN A 58 -1.21 -8.04 -10.21
CA GLN A 58 0.22 -7.94 -10.44
C GLN A 58 1.01 -8.56 -9.29
N GLY A 59 0.30 -9.02 -8.27
CA GLY A 59 0.91 -9.80 -7.20
C GLY A 59 2.05 -9.03 -6.55
N GLU A 60 3.19 -9.70 -6.38
CA GLU A 60 4.33 -9.13 -5.67
C GLU A 60 5.22 -8.34 -6.62
N ASP A 61 4.93 -8.42 -7.91
CA ASP A 61 5.81 -7.86 -8.93
C ASP A 61 5.68 -6.35 -9.00
N PHE A 62 4.43 -5.87 -9.06
CA PHE A 62 4.17 -4.45 -9.17
C PHE A 62 4.71 -3.67 -7.99
N PRO A 63 4.39 -4.15 -6.78
CA PRO A 63 4.99 -3.63 -5.57
C PRO A 63 6.49 -3.40 -5.74
N ALA A 64 7.20 -4.47 -6.09
CA ALA A 64 8.66 -4.43 -6.15
C ALA A 64 9.13 -3.38 -7.16
N SER A 65 8.43 -3.29 -8.28
CA SER A 65 8.78 -2.34 -9.33
C SER A 65 8.68 -0.90 -8.82
N GLU A 66 7.62 -0.62 -8.07
CA GLU A 66 7.39 0.72 -7.54
C GLU A 66 8.40 1.06 -6.46
N LEU A 67 8.74 0.07 -5.64
CA LEU A 67 9.73 0.25 -4.58
C LEU A 67 11.11 0.55 -5.17
N ALA A 68 11.42 -0.10 -6.29
CA ALA A 68 12.65 0.19 -7.02
C ALA A 68 12.68 1.63 -7.51
N ARG A 69 11.55 2.09 -8.04
CA ARG A 69 11.41 3.48 -8.44
C ARG A 69 11.62 4.42 -7.26
N ILE A 70 11.00 4.10 -6.13
CA ILE A 70 11.13 4.90 -4.92
C ILE A 70 12.58 4.95 -4.44
N SER A 71 13.24 3.79 -4.48
CA SER A 71 14.63 3.69 -4.05
C SER A 71 15.49 4.73 -4.77
N LYS A 72 15.31 4.85 -6.07
CA LYS A 72 16.04 5.83 -6.87
C LYS A 72 15.66 7.26 -6.46
N LEU A 73 14.37 7.48 -6.23
CA LEU A 73 13.88 8.80 -5.86
C LEU A 73 14.44 9.25 -4.51
N ILE A 74 14.59 8.29 -3.61
CA ILE A 74 15.17 8.57 -2.30
C ILE A 74 16.59 9.12 -2.41
N GLU A 75 17.37 8.50 -3.29
CA GLU A 75 18.74 8.96 -3.54
C GLU A 75 18.74 10.34 -4.20
N ASN A 76 17.72 10.62 -4.99
CA ASN A 76 17.66 11.86 -5.75
C ASN A 76 17.22 13.02 -4.85
N LYS A 77 17.31 14.24 -5.39
CA LYS A 77 17.05 15.44 -4.61
C LYS A 77 15.56 15.73 -4.52
N MET A 78 14.89 15.06 -3.60
CA MET A 78 13.46 15.28 -3.38
C MET A 78 13.20 16.58 -2.64
N SER A 79 12.10 17.25 -2.98
CA SER A 79 11.61 18.36 -2.18
C SER A 79 10.85 17.86 -0.95
N GLU A 80 10.59 18.77 -0.02
CA GLU A 80 9.90 18.42 1.21
C GLU A 80 8.51 17.86 0.93
N GLY A 81 7.85 18.43 -0.08
CA GLY A 81 6.56 17.91 -0.54
C GLY A 81 6.70 16.49 -1.06
N LYS A 82 7.68 16.27 -1.92
CA LYS A 82 7.91 14.96 -2.52
C LYS A 82 8.26 13.92 -1.47
N LYS A 83 9.03 14.34 -0.47
CA LYS A 83 9.48 13.45 0.59
C LYS A 83 8.29 12.81 1.31
N GLU A 84 7.29 13.62 1.61
CA GLU A 84 6.08 13.14 2.28
C GLU A 84 5.34 12.13 1.42
N GLU A 85 5.10 12.49 0.16
CA GLU A 85 4.39 11.62 -0.76
C GLU A 85 5.18 10.35 -1.03
N LEU A 86 6.51 10.48 -1.07
CA LEU A 86 7.39 9.34 -1.29
C LEU A 86 7.36 8.38 -0.11
N GLN A 87 7.34 8.93 1.10
CA GLN A 87 7.22 8.13 2.31
C GLN A 87 5.88 7.41 2.37
N ARG A 88 4.81 8.15 2.09
CA ARG A 88 3.47 7.57 2.08
C ARG A 88 3.37 6.43 1.07
N SER A 89 3.92 6.65 -0.12
CA SER A 89 3.89 5.65 -1.17
C SER A 89 4.63 4.38 -0.75
N LEU A 90 5.81 4.56 -0.17
CA LEU A 90 6.61 3.44 0.31
C LEU A 90 5.86 2.62 1.34
N ASN A 91 5.34 3.30 2.36
CA ASN A 91 4.65 2.62 3.45
C ASN A 91 3.51 1.77 2.95
N ILE A 92 2.74 2.32 2.01
CA ILE A 92 1.62 1.60 1.41
C ILE A 92 2.10 0.33 0.71
N LEU A 93 3.17 0.47 -0.08
CA LEU A 93 3.68 -0.66 -0.85
C LEU A 93 4.22 -1.76 0.05
N THR A 94 4.92 -1.36 1.10
CA THR A 94 5.54 -2.32 2.02
C THR A 94 4.49 -3.05 2.84
N ALA A 95 3.33 -2.43 2.99
CA ALA A 95 2.22 -3.04 3.71
C ALA A 95 1.81 -4.37 3.09
N PHE A 96 2.06 -4.50 1.79
CA PHE A 96 1.61 -5.68 1.03
C PHE A 96 2.72 -6.71 0.91
N ARG A 97 3.73 -6.59 1.76
CA ARG A 97 4.80 -7.59 1.84
C ARG A 97 4.42 -8.72 2.80
N LYS A 98 4.37 -9.94 2.27
CA LYS A 98 3.91 -11.09 3.04
C LYS A 98 4.80 -11.33 4.25
N LYS A 99 4.23 -11.93 5.29
CA LYS A 99 4.96 -12.22 6.52
C LYS A 99 6.28 -12.93 6.22
N GLY A 100 7.36 -12.40 6.78
CA GLY A 100 8.69 -13.00 6.60
C GLY A 100 9.48 -12.26 5.53
N ALA A 101 8.78 -11.48 4.72
CA ALA A 101 9.43 -10.69 3.67
C ALA A 101 10.10 -9.45 4.24
N GLU A 102 11.16 -9.01 3.59
CA GLU A 102 11.82 -7.76 3.95
C GLU A 102 11.01 -6.55 3.50
N LYS A 103 11.07 -5.48 4.28
CA LYS A 103 10.37 -4.25 3.93
C LYS A 103 11.36 -3.09 3.75
N GLU A 104 10.99 -2.12 2.93
CA GLU A 104 11.78 -0.91 2.77
C GLU A 104 11.47 0.11 3.87
N GLU A 105 12.37 1.06 4.05
CA GLU A 105 12.19 2.10 5.06
C GLU A 105 12.47 3.48 4.48
N LEU A 106 11.81 4.49 5.05
CA LEU A 106 12.12 5.87 4.70
C LEU A 106 11.51 6.83 5.72
N PRO A 1 -2.11 13.41 6.32
CA PRO A 1 -2.57 12.06 6.07
C PRO A 1 -1.69 11.03 6.77
N GLY A 2 -2.24 10.37 7.78
CA GLY A 2 -1.51 9.34 8.51
C GLY A 2 -1.82 7.96 7.97
N CYS A 3 -1.35 6.93 8.68
CA CYS A 3 -1.58 5.55 8.28
C CYS A 3 -2.74 4.94 9.06
N LEU A 4 -3.39 3.94 8.45
CA LEU A 4 -4.57 3.33 9.06
C LEU A 4 -4.34 1.84 9.31
N PRO A 5 -4.10 1.50 10.58
CA PRO A 5 -3.85 0.11 10.97
C PRO A 5 -4.97 -0.79 10.45
N ALA A 6 -6.18 -0.25 10.37
CA ALA A 6 -7.32 -1.00 9.87
C ALA A 6 -7.07 -1.50 8.44
N TYR A 7 -6.35 -0.71 7.66
CA TYR A 7 -6.05 -1.06 6.27
C TYR A 7 -4.87 -2.00 6.19
N ASP A 8 -3.89 -1.81 7.06
CA ASP A 8 -2.72 -2.67 7.11
C ASP A 8 -3.12 -4.13 7.30
N ALA A 9 -4.20 -4.35 8.03
CA ALA A 9 -4.75 -5.70 8.18
C ALA A 9 -5.11 -6.30 6.84
N LEU A 10 -5.55 -5.47 5.90
CA LEU A 10 -5.97 -5.93 4.59
C LEU A 10 -4.78 -6.43 3.78
N ALA A 11 -3.63 -5.78 3.95
CA ALA A 11 -2.40 -6.23 3.34
C ALA A 11 -2.04 -7.64 3.81
N GLY A 12 -2.19 -7.88 5.10
CA GLY A 12 -2.00 -9.21 5.66
C GLY A 12 -2.85 -10.25 4.92
N GLN A 13 -4.13 -9.94 4.74
CA GLN A 13 -5.05 -10.84 4.05
C GLN A 13 -4.61 -11.07 2.61
N PHE A 14 -4.16 -10.01 1.95
CA PHE A 14 -3.70 -10.10 0.56
C PHE A 14 -2.49 -11.01 0.44
N ILE A 15 -1.57 -10.90 1.40
CA ILE A 15 -0.34 -11.68 1.38
C ILE A 15 -0.63 -13.18 1.45
N GLU A 16 -1.57 -13.55 2.31
CA GLU A 16 -1.92 -14.96 2.49
C GLU A 16 -2.86 -15.44 1.40
N ALA A 17 -3.79 -14.57 1.01
CA ALA A 17 -4.83 -14.94 0.05
C ALA A 17 -4.23 -15.26 -1.31
N SER A 18 -4.65 -16.38 -1.90
CA SER A 18 -4.26 -16.74 -3.26
C SER A 18 -5.45 -16.67 -4.21
N SER A 19 -6.65 -16.63 -3.64
CA SER A 19 -7.86 -16.60 -4.44
C SER A 19 -8.17 -15.20 -4.93
N ARG A 20 -8.37 -15.07 -6.24
CA ARG A 20 -8.73 -13.78 -6.84
C ARG A 20 -10.00 -13.22 -6.21
N GLU A 21 -11.00 -14.07 -6.04
CA GLU A 21 -12.28 -13.65 -5.48
C GLU A 21 -12.11 -13.15 -4.05
N ALA A 22 -11.28 -13.85 -3.28
CA ALA A 22 -10.95 -13.43 -1.93
C ALA A 22 -10.27 -12.06 -1.93
N ARG A 23 -9.33 -11.87 -2.85
CA ARG A 23 -8.58 -10.62 -2.94
C ARG A 23 -9.47 -9.46 -3.34
N GLN A 24 -10.48 -9.75 -4.15
CA GLN A 24 -11.51 -8.77 -4.48
C GLN A 24 -12.31 -8.37 -3.25
N ALA A 25 -12.65 -9.36 -2.43
CA ALA A 25 -13.36 -9.10 -1.18
C ALA A 25 -12.53 -8.28 -0.23
N ILE A 26 -11.23 -8.58 -0.16
CA ILE A 26 -10.32 -7.86 0.71
C ILE A 26 -10.19 -6.40 0.31
N LEU A 27 -10.08 -6.15 -0.99
CA LEU A 27 -10.14 -4.80 -1.52
C LEU A 27 -11.43 -4.10 -1.12
N LYS A 28 -12.55 -4.80 -1.26
CA LYS A 28 -13.85 -4.24 -0.91
C LYS A 28 -13.87 -3.76 0.53
N GLN A 29 -13.31 -4.56 1.43
CA GLN A 29 -13.22 -4.19 2.84
C GLN A 29 -12.67 -2.78 3.01
N GLY A 30 -11.57 -2.50 2.33
CA GLY A 30 -10.95 -1.18 2.41
C GLY A 30 -11.83 -0.11 1.79
N GLN A 31 -12.39 -0.41 0.62
CA GLN A 31 -13.20 0.55 -0.12
C GLN A 31 -14.42 0.98 0.67
N ASP A 32 -15.03 0.02 1.37
CA ASP A 32 -16.16 0.31 2.25
C ASP A 32 -15.70 1.04 3.51
N GLY A 33 -14.56 0.61 4.05
CA GLY A 33 -14.02 1.23 5.25
C GLY A 33 -13.69 2.70 5.00
N LEU A 34 -13.41 3.04 3.76
CA LEU A 34 -13.08 4.42 3.40
C LEU A 34 -14.14 5.39 3.88
N SER A 35 -15.38 4.92 3.95
CA SER A 35 -16.51 5.76 4.30
C SER A 35 -16.39 6.26 5.74
N GLY A 36 -15.54 5.60 6.52
CA GLY A 36 -15.38 5.93 7.93
C GLY A 36 -14.01 6.55 8.20
N VAL A 37 -13.29 6.84 7.13
CA VAL A 37 -11.94 7.40 7.25
C VAL A 37 -11.97 8.91 7.26
N LYS A 38 -11.21 9.51 8.19
CA LYS A 38 -11.11 10.96 8.27
C LYS A 38 -10.72 11.57 6.93
N GLU A 39 -11.40 12.65 6.56
CA GLU A 39 -11.22 13.25 5.25
C GLU A 39 -9.74 13.43 4.92
N THR A 40 -8.96 13.81 5.92
CA THR A 40 -7.56 14.17 5.72
C THR A 40 -6.70 12.93 5.56
N ASP A 41 -7.24 11.78 5.96
CA ASP A 41 -6.50 10.52 5.88
C ASP A 41 -6.94 9.69 4.69
N LYS A 42 -8.03 10.11 4.04
CA LYS A 42 -8.52 9.43 2.85
C LYS A 42 -7.47 9.40 1.75
N LYS A 43 -6.62 10.43 1.73
CA LYS A 43 -5.56 10.53 0.73
C LYS A 43 -4.61 9.35 0.82
N TRP A 44 -4.23 8.98 2.04
CA TRP A 44 -3.41 7.80 2.27
C TRP A 44 -4.15 6.53 1.87
N ALA A 45 -5.40 6.42 2.31
CA ALA A 45 -6.21 5.24 2.01
C ALA A 45 -6.41 5.08 0.50
N SER A 46 -6.56 6.21 -0.19
CA SER A 46 -6.80 6.19 -1.63
C SER A 46 -5.68 5.45 -2.36
N GLN A 47 -4.44 5.88 -2.11
CA GLN A 47 -3.27 5.21 -2.69
C GLN A 47 -3.17 3.76 -2.23
N TYR A 48 -3.43 3.54 -0.95
CA TYR A 48 -3.40 2.19 -0.39
C TYR A 48 -4.34 1.26 -1.16
N LEU A 49 -5.55 1.74 -1.41
CA LEU A 49 -6.54 0.95 -2.13
C LEU A 49 -6.08 0.64 -3.54
N LYS A 50 -5.46 1.62 -4.19
CA LYS A 50 -5.00 1.47 -5.56
C LYS A 50 -3.97 0.35 -5.67
N ILE A 51 -3.09 0.27 -4.67
CA ILE A 51 -2.05 -0.76 -4.66
C ILE A 51 -2.67 -2.15 -4.59
N MET A 52 -3.68 -2.31 -3.76
CA MET A 52 -4.41 -3.58 -3.67
C MET A 52 -5.12 -3.89 -4.98
N GLY A 53 -5.66 -2.87 -5.63
CA GLY A 53 -6.29 -3.03 -6.94
C GLY A 53 -5.29 -3.58 -7.96
N LYS A 54 -4.04 -3.17 -7.82
CA LYS A 54 -2.99 -3.65 -8.72
C LYS A 54 -2.55 -5.06 -8.36
N ILE A 55 -2.38 -5.31 -7.07
CA ILE A 55 -1.95 -6.62 -6.60
C ILE A 55 -2.89 -7.71 -7.06
N LEU A 56 -4.19 -7.43 -7.04
CA LEU A 56 -5.20 -8.37 -7.50
C LEU A 56 -4.77 -9.03 -8.81
N ASP A 57 -4.21 -8.23 -9.71
CA ASP A 57 -3.88 -8.72 -11.05
C ASP A 57 -2.37 -8.97 -11.18
N GLN A 58 -1.59 -8.15 -10.49
CA GLN A 58 -0.15 -8.10 -10.75
C GLN A 58 0.61 -9.03 -9.81
N GLY A 59 -0.09 -9.52 -8.78
CA GLY A 59 0.49 -10.50 -7.87
C GLY A 59 1.04 -9.83 -6.62
N GLU A 60 1.34 -10.63 -5.60
CA GLU A 60 1.77 -10.11 -4.31
C GLU A 60 3.20 -9.58 -4.38
N ASP A 61 3.85 -9.80 -5.53
CA ASP A 61 5.19 -9.28 -5.76
C ASP A 61 5.14 -7.89 -6.39
N PHE A 62 3.93 -7.42 -6.67
CA PHE A 62 3.75 -6.15 -7.37
C PHE A 62 4.47 -5.01 -6.65
N PRO A 63 4.35 -4.98 -5.33
CA PRO A 63 4.97 -3.93 -4.53
C PRO A 63 6.44 -3.77 -4.88
N ALA A 64 7.08 -4.87 -5.25
CA ALA A 64 8.50 -4.87 -5.56
C ALA A 64 8.84 -3.89 -6.66
N SER A 65 7.94 -3.80 -7.65
CA SER A 65 8.14 -2.88 -8.77
C SER A 65 7.97 -1.44 -8.33
N GLU A 66 6.95 -1.19 -7.52
CA GLU A 66 6.68 0.16 -7.03
C GLU A 66 7.79 0.65 -6.10
N LEU A 67 8.32 -0.28 -5.31
CA LEU A 67 9.46 0.03 -4.43
C LEU A 67 10.68 0.43 -5.25
N ALA A 68 10.90 -0.27 -6.36
CA ALA A 68 11.99 0.07 -7.27
C ALA A 68 11.81 1.48 -7.84
N ARG A 69 10.58 1.82 -8.18
CA ARG A 69 10.27 3.13 -8.74
C ARG A 69 10.67 4.25 -7.77
N ILE A 70 10.37 4.05 -6.50
CA ILE A 70 10.73 5.02 -5.46
C ILE A 70 12.24 5.19 -5.37
N SER A 71 12.96 4.07 -5.43
CA SER A 71 14.41 4.10 -5.38
C SER A 71 14.99 4.89 -6.55
N LYS A 72 14.32 4.83 -7.69
CA LYS A 72 14.74 5.57 -8.87
C LYS A 72 14.41 7.06 -8.74
N LEU A 73 13.21 7.35 -8.25
CA LEU A 73 12.71 8.72 -8.21
C LEU A 73 13.58 9.59 -7.30
N ILE A 74 14.00 9.03 -6.17
CA ILE A 74 14.74 9.78 -5.17
C ILE A 74 16.08 10.27 -5.72
N GLU A 75 16.52 9.65 -6.81
CA GLU A 75 17.79 10.00 -7.43
C GLU A 75 17.74 11.38 -8.05
N ASN A 76 16.52 11.86 -8.32
CA ASN A 76 16.33 13.15 -8.97
C ASN A 76 16.32 14.29 -7.96
N LYS A 77 16.68 15.48 -8.41
CA LYS A 77 16.57 16.68 -7.59
C LYS A 77 15.11 16.96 -7.24
N MET A 78 14.85 17.22 -5.96
CA MET A 78 13.51 17.52 -5.49
C MET A 78 13.54 18.23 -4.15
N SER A 79 12.42 18.85 -3.78
CA SER A 79 12.28 19.47 -2.47
C SER A 79 11.97 18.43 -1.39
N GLU A 80 12.06 18.84 -0.14
CA GLU A 80 11.83 17.93 0.98
C GLU A 80 10.39 17.42 0.99
N GLY A 81 9.47 18.26 0.56
CA GLY A 81 8.06 17.89 0.51
C GLY A 81 7.84 16.68 -0.38
N LYS A 82 8.61 16.60 -1.47
CA LYS A 82 8.49 15.49 -2.41
C LYS A 82 9.10 14.22 -1.85
N LYS A 83 10.16 14.37 -1.06
CA LYS A 83 10.78 13.24 -0.37
C LYS A 83 9.81 12.59 0.60
N GLU A 84 9.04 13.41 1.30
CA GLU A 84 8.02 12.91 2.21
C GLU A 84 7.00 12.06 1.48
N GLU A 85 6.56 12.53 0.31
CA GLU A 85 5.59 11.80 -0.50
C GLU A 85 6.13 10.43 -0.89
N LEU A 86 7.41 10.36 -1.20
CA LEU A 86 8.06 9.10 -1.55
C LEU A 86 8.06 8.14 -0.37
N GLN A 87 8.30 8.67 0.83
CA GLN A 87 8.30 7.87 2.04
C GLN A 87 6.90 7.36 2.36
N ARG A 88 5.90 8.19 2.09
CA ARG A 88 4.50 7.80 2.28
C ARG A 88 4.16 6.58 1.42
N SER A 89 4.66 6.58 0.19
CA SER A 89 4.48 5.44 -0.70
C SER A 89 5.13 4.19 -0.14
N LEU A 90 6.34 4.35 0.41
CA LEU A 90 7.06 3.24 1.00
C LEU A 90 6.30 2.68 2.21
N ASN A 91 5.69 3.57 2.99
CA ASN A 91 4.92 3.15 4.15
C ASN A 91 3.73 2.29 3.73
N ILE A 92 3.10 2.64 2.62
CA ILE A 92 2.03 1.83 2.06
C ILE A 92 2.55 0.53 1.50
N LEU A 93 3.57 0.62 0.65
CA LEU A 93 4.12 -0.55 -0.02
C LEU A 93 4.69 -1.55 0.98
N THR A 94 5.28 -1.04 2.05
CA THR A 94 5.81 -1.90 3.11
C THR A 94 4.75 -2.83 3.65
N ALA A 95 3.51 -2.35 3.71
CA ALA A 95 2.42 -3.11 4.31
C ALA A 95 2.22 -4.44 3.60
N PHE A 96 2.54 -4.47 2.30
CA PHE A 96 2.20 -5.60 1.45
C PHE A 96 3.39 -6.53 1.26
N ARG A 97 4.47 -6.24 1.97
CA ARG A 97 5.69 -7.04 1.85
C ARG A 97 5.46 -8.48 2.30
N LYS A 98 6.06 -9.41 1.57
CA LYS A 98 5.95 -10.83 1.92
C LYS A 98 6.58 -11.13 3.27
N LYS A 99 6.02 -12.11 3.97
CA LYS A 99 6.45 -12.43 5.32
C LYS A 99 7.95 -12.68 5.38
N GLY A 100 8.61 -12.09 6.37
CA GLY A 100 10.05 -12.24 6.54
C GLY A 100 10.78 -10.99 6.05
N ALA A 101 10.09 -10.17 5.26
CA ALA A 101 10.66 -8.93 4.77
C ALA A 101 10.62 -7.83 5.82
N GLU A 102 11.50 -6.86 5.69
CA GLU A 102 11.57 -5.75 6.64
C GLU A 102 11.00 -4.48 6.04
N LYS A 103 10.78 -3.47 6.89
CA LYS A 103 10.30 -2.18 6.43
C LYS A 103 11.32 -1.50 5.52
N GLU A 104 10.84 -0.90 4.44
CA GLU A 104 11.69 -0.14 3.54
C GLU A 104 11.80 1.32 3.97
N GLU A 105 12.93 1.94 3.69
CA GLU A 105 13.15 3.33 4.04
C GLU A 105 13.67 4.13 2.84
N LEU A 106 13.25 5.40 2.76
CA LEU A 106 13.70 6.28 1.69
C LEU A 106 15.15 6.68 1.88
N PRO A 1 -3.03 10.39 9.52
CA PRO A 1 -2.81 9.04 9.00
C PRO A 1 -3.40 7.99 9.94
N GLY A 2 -4.60 8.26 10.44
CA GLY A 2 -5.17 7.47 11.53
C GLY A 2 -5.82 6.21 11.01
N CYS A 3 -5.84 6.05 9.69
CA CYS A 3 -6.47 4.90 9.06
C CYS A 3 -5.43 3.88 8.62
N LEU A 4 -4.17 4.29 8.62
CA LEU A 4 -3.10 3.48 8.05
C LEU A 4 -2.95 2.16 8.78
N PRO A 5 -3.00 2.21 10.10
CA PRO A 5 -2.92 1.00 10.93
C PRO A 5 -3.91 -0.05 10.45
N ALA A 6 -5.16 0.35 10.27
CA ALA A 6 -6.21 -0.56 9.85
C ALA A 6 -5.91 -1.15 8.47
N TYR A 7 -5.43 -0.29 7.57
CA TYR A 7 -5.14 -0.71 6.20
C TYR A 7 -3.90 -1.60 6.13
N ASP A 8 -3.00 -1.40 7.08
CA ASP A 8 -1.82 -2.26 7.20
C ASP A 8 -2.22 -3.68 7.57
N ALA A 9 -3.18 -3.82 8.48
CA ALA A 9 -3.74 -5.11 8.81
C ALA A 9 -4.40 -5.76 7.60
N LEU A 10 -5.13 -4.96 6.83
CA LEU A 10 -5.77 -5.46 5.62
C LEU A 10 -4.75 -5.85 4.57
N ALA A 11 -3.65 -5.11 4.51
CA ALA A 11 -2.58 -5.40 3.57
C ALA A 11 -2.02 -6.81 3.79
N GLY A 12 -1.86 -7.18 5.05
CA GLY A 12 -1.49 -8.54 5.41
C GLY A 12 -2.52 -9.55 4.91
N GLN A 13 -3.78 -9.31 5.26
CA GLN A 13 -4.87 -10.19 4.85
C GLN A 13 -4.95 -10.30 3.34
N PHE A 14 -4.65 -9.20 2.64
CA PHE A 14 -4.69 -9.18 1.19
C PHE A 14 -3.63 -10.11 0.60
N ILE A 15 -2.37 -9.83 0.91
CA ILE A 15 -1.25 -10.48 0.24
C ILE A 15 -1.16 -11.96 0.63
N GLU A 16 -1.56 -12.27 1.86
CA GLU A 16 -1.50 -13.63 2.36
C GLU A 16 -2.76 -14.41 2.02
N ALA A 17 -3.65 -13.78 1.24
CA ALA A 17 -4.92 -14.39 0.88
C ALA A 17 -4.72 -15.72 0.17
N SER A 18 -5.63 -16.66 0.42
CA SER A 18 -5.52 -17.99 -0.17
C SER A 18 -6.15 -18.04 -1.55
N SER A 19 -6.85 -16.97 -1.91
CA SER A 19 -7.59 -16.93 -3.17
C SER A 19 -7.74 -15.50 -3.68
N ARG A 20 -7.95 -15.35 -4.98
CA ARG A 20 -8.24 -14.05 -5.57
C ARG A 20 -9.53 -13.47 -5.02
N GLU A 21 -10.53 -14.34 -4.80
CA GLU A 21 -11.81 -13.91 -4.27
C GLU A 21 -11.66 -13.30 -2.87
N ALA A 22 -10.80 -13.91 -2.06
CA ALA A 22 -10.49 -13.38 -0.74
C ALA A 22 -9.85 -11.99 -0.85
N ARG A 23 -8.96 -11.82 -1.82
CA ARG A 23 -8.32 -10.54 -2.05
C ARG A 23 -9.34 -9.47 -2.47
N GLN A 24 -10.30 -9.88 -3.29
CA GLN A 24 -11.37 -8.99 -3.70
C GLN A 24 -12.24 -8.57 -2.51
N ALA A 25 -12.47 -9.52 -1.60
CA ALA A 25 -13.21 -9.23 -0.37
C ALA A 25 -12.50 -8.18 0.47
N ILE A 26 -11.18 -8.32 0.58
CA ILE A 26 -10.38 -7.37 1.34
C ILE A 26 -10.37 -6.00 0.68
N LEU A 27 -10.28 -5.99 -0.65
CA LEU A 27 -10.38 -4.75 -1.41
C LEU A 27 -11.70 -4.02 -1.11
N LYS A 28 -12.79 -4.76 -1.17
CA LYS A 28 -14.10 -4.20 -0.85
C LYS A 28 -14.14 -3.62 0.56
N GLN A 29 -13.62 -4.38 1.52
CA GLN A 29 -13.58 -3.94 2.91
C GLN A 29 -12.83 -2.62 3.04
N GLY A 30 -11.73 -2.48 2.31
CA GLY A 30 -11.00 -1.23 2.26
C GLY A 30 -11.84 -0.11 1.66
N GLN A 31 -12.48 -0.40 0.53
CA GLN A 31 -13.28 0.60 -0.17
C GLN A 31 -14.44 1.07 0.70
N ASP A 32 -15.05 0.14 1.43
CA ASP A 32 -16.14 0.47 2.34
C ASP A 32 -15.62 1.21 3.57
N GLY A 33 -14.50 0.74 4.10
CA GLY A 33 -13.89 1.38 5.27
C GLY A 33 -13.48 2.81 4.97
N LEU A 34 -13.22 3.10 3.70
CA LEU A 34 -12.84 4.45 3.28
C LEU A 34 -13.85 5.48 3.75
N SER A 35 -15.11 5.07 3.86
CA SER A 35 -16.18 5.98 4.22
C SER A 35 -16.01 6.50 5.64
N GLY A 36 -15.19 5.81 6.43
CA GLY A 36 -14.96 6.19 7.82
C GLY A 36 -13.65 6.94 7.97
N VAL A 37 -13.02 7.26 6.85
CA VAL A 37 -11.70 7.90 6.87
C VAL A 37 -11.81 9.39 6.57
N LYS A 38 -11.10 10.20 7.35
CA LYS A 38 -11.13 11.65 7.18
C LYS A 38 -10.48 12.04 5.86
N GLU A 39 -10.91 13.19 5.32
CA GLU A 39 -10.43 13.65 4.02
C GLU A 39 -8.91 13.77 4.01
N THR A 40 -8.33 14.09 5.17
CA THR A 40 -6.88 14.21 5.29
C THR A 40 -6.19 12.90 4.94
N ASP A 41 -6.78 11.79 5.37
CA ASP A 41 -6.12 10.49 5.26
C ASP A 41 -6.64 9.71 4.06
N LYS A 42 -7.80 10.11 3.55
CA LYS A 42 -8.41 9.46 2.40
C LYS A 42 -7.48 9.52 1.19
N LYS A 43 -6.66 10.56 1.12
CA LYS A 43 -5.69 10.71 0.05
C LYS A 43 -4.81 9.47 -0.07
N TRP A 44 -4.17 9.09 1.03
CA TRP A 44 -3.33 7.90 1.05
C TRP A 44 -4.17 6.65 0.84
N ALA A 45 -5.30 6.56 1.53
CA ALA A 45 -6.16 5.39 1.46
C ALA A 45 -6.60 5.11 0.04
N SER A 46 -6.86 6.18 -0.72
CA SER A 46 -7.23 6.05 -2.12
C SER A 46 -6.13 5.38 -2.93
N GLN A 47 -4.89 5.82 -2.69
CA GLN A 47 -3.73 5.21 -3.34
C GLN A 47 -3.55 3.77 -2.88
N TYR A 48 -3.77 3.53 -1.60
CA TYR A 48 -3.68 2.18 -1.04
C TYR A 48 -4.59 1.21 -1.79
N LEU A 49 -5.84 1.61 -1.97
CA LEU A 49 -6.83 0.77 -2.63
C LEU A 49 -6.42 0.47 -4.07
N LYS A 50 -5.83 1.47 -4.73
CA LYS A 50 -5.34 1.30 -6.09
C LYS A 50 -4.22 0.27 -6.15
N ILE A 51 -3.35 0.30 -5.15
CA ILE A 51 -2.23 -0.64 -5.08
C ILE A 51 -2.72 -2.08 -5.04
N MET A 52 -3.71 -2.34 -4.19
CA MET A 52 -4.32 -3.66 -4.10
C MET A 52 -5.00 -4.05 -5.41
N GLY A 53 -5.69 -3.09 -6.02
CA GLY A 53 -6.34 -3.31 -7.31
C GLY A 53 -5.34 -3.73 -8.37
N LYS A 54 -4.13 -3.16 -8.30
CA LYS A 54 -3.08 -3.49 -9.25
C LYS A 54 -2.50 -4.86 -8.97
N ILE A 55 -2.13 -5.11 -7.71
CA ILE A 55 -1.47 -6.35 -7.33
C ILE A 55 -2.30 -7.57 -7.72
N LEU A 56 -3.61 -7.47 -7.49
CA LEU A 56 -4.52 -8.57 -7.79
C LEU A 56 -4.26 -9.15 -9.17
N ASP A 57 -3.98 -8.27 -10.13
CA ASP A 57 -3.84 -8.68 -11.52
C ASP A 57 -2.37 -8.71 -11.94
N GLN A 58 -1.59 -7.80 -11.37
CA GLN A 58 -0.20 -7.62 -11.79
C GLN A 58 0.70 -8.70 -11.20
N GLY A 59 0.34 -9.18 -10.01
CA GLY A 59 1.12 -10.20 -9.32
C GLY A 59 1.92 -9.60 -8.17
N GLU A 60 2.60 -10.45 -7.42
CA GLU A 60 3.23 -10.06 -6.17
C GLU A 60 4.59 -9.42 -6.42
N ASP A 61 4.92 -9.21 -7.69
CA ASP A 61 6.14 -8.49 -8.06
C ASP A 61 5.85 -7.01 -8.25
N PHE A 62 4.57 -6.65 -8.29
CA PHE A 62 4.17 -5.27 -8.55
C PHE A 62 4.73 -4.34 -7.49
N PRO A 63 4.63 -4.74 -6.23
CA PRO A 63 5.17 -3.96 -5.12
C PRO A 63 6.62 -3.57 -5.39
N ALA A 64 7.40 -4.51 -5.92
CA ALA A 64 8.82 -4.30 -6.14
C ALA A 64 9.06 -3.15 -7.11
N SER A 65 8.25 -3.08 -8.16
CA SER A 65 8.33 -2.00 -9.13
C SER A 65 8.02 -0.66 -8.49
N GLU A 66 7.00 -0.64 -7.64
CA GLU A 66 6.58 0.59 -6.96
C GLU A 66 7.60 1.00 -5.91
N LEU A 67 8.17 0.01 -5.23
CA LEU A 67 9.18 0.28 -4.22
C LEU A 67 10.39 0.98 -4.82
N ALA A 68 10.82 0.53 -5.99
CA ALA A 68 11.91 1.17 -6.71
C ALA A 68 11.57 2.61 -7.05
N ARG A 69 10.35 2.82 -7.55
CA ARG A 69 9.88 4.16 -7.88
C ARG A 69 9.90 5.08 -6.67
N ILE A 70 9.25 4.63 -5.60
CA ILE A 70 9.10 5.45 -4.40
C ILE A 70 10.46 5.77 -3.78
N SER A 71 11.32 4.76 -3.73
CA SER A 71 12.65 4.93 -3.15
C SER A 71 13.44 6.02 -3.87
N LYS A 72 13.38 5.99 -5.19
CA LYS A 72 14.09 6.99 -6.00
C LYS A 72 13.51 8.39 -5.79
N LEU A 73 12.18 8.46 -5.68
CA LEU A 73 11.50 9.73 -5.47
C LEU A 73 11.91 10.36 -4.14
N ILE A 74 12.07 9.51 -3.12
CA ILE A 74 12.51 9.98 -1.81
C ILE A 74 13.92 10.55 -1.87
N GLU A 75 14.79 9.87 -2.60
CA GLU A 75 16.17 10.33 -2.77
C GLU A 75 16.21 11.62 -3.59
N ASN A 76 15.19 11.83 -4.41
CA ASN A 76 15.12 13.02 -5.25
C ASN A 76 14.90 14.28 -4.42
N LYS A 77 14.99 15.43 -5.07
CA LYS A 77 14.88 16.71 -4.36
C LYS A 77 13.44 17.00 -3.96
N MET A 78 12.95 16.27 -2.98
CA MET A 78 11.58 16.45 -2.50
C MET A 78 11.55 17.28 -1.23
N SER A 79 10.40 17.91 -0.97
CA SER A 79 10.14 18.54 0.32
C SER A 79 9.91 17.50 1.41
N GLU A 80 10.03 17.93 2.66
CA GLU A 80 9.79 17.04 3.80
C GLU A 80 8.38 16.48 3.77
N GLY A 81 7.42 17.31 3.37
CA GLY A 81 6.04 16.87 3.22
C GLY A 81 5.92 15.74 2.21
N LYS A 82 6.48 15.95 1.03
CA LYS A 82 6.42 14.95 -0.03
C LYS A 82 7.09 13.65 0.39
N LYS A 83 8.23 13.78 1.08
CA LYS A 83 8.98 12.62 1.53
C LYS A 83 8.15 11.75 2.48
N GLU A 84 7.43 12.42 3.38
CA GLU A 84 6.57 11.71 4.33
C GLU A 84 5.54 10.86 3.62
N GLU A 85 4.87 11.44 2.63
CA GLU A 85 3.88 10.73 1.85
C GLU A 85 4.49 9.55 1.10
N LEU A 86 5.69 9.76 0.57
CA LEU A 86 6.41 8.70 -0.12
C LEU A 86 6.80 7.58 0.83
N GLN A 87 7.20 7.95 2.04
CA GLN A 87 7.58 6.96 3.06
C GLN A 87 6.38 6.11 3.46
N ARG A 88 5.21 6.74 3.54
CA ARG A 88 3.97 6.03 3.83
C ARG A 88 3.70 4.95 2.78
N SER A 89 3.94 5.30 1.52
CA SER A 89 3.81 4.34 0.43
C SER A 89 4.90 3.27 0.50
N LEU A 90 6.13 3.71 0.74
CA LEU A 90 7.26 2.80 0.84
C LEU A 90 7.00 1.70 1.87
N ASN A 91 6.44 2.09 3.01
CA ASN A 91 6.17 1.15 4.09
C ASN A 91 5.15 0.09 3.65
N ILE A 92 4.00 0.54 3.18
CA ILE A 92 2.89 -0.35 2.88
C ILE A 92 3.19 -1.21 1.67
N LEU A 93 3.97 -0.66 0.73
CA LEU A 93 4.42 -1.42 -0.43
C LEU A 93 5.35 -2.56 -0.01
N THR A 94 6.20 -2.29 0.97
CA THR A 94 7.05 -3.33 1.56
C THR A 94 6.21 -4.45 2.16
N ALA A 95 5.15 -4.08 2.85
CA ALA A 95 4.24 -5.06 3.44
C ALA A 95 3.64 -5.97 2.38
N PHE A 96 3.31 -5.38 1.22
CA PHE A 96 2.75 -6.14 0.11
C PHE A 96 3.79 -7.06 -0.52
N ARG A 97 5.05 -6.63 -0.48
CA ARG A 97 6.15 -7.46 -0.96
C ARG A 97 6.45 -8.59 0.01
N LYS A 98 6.42 -8.27 1.30
CA LYS A 98 6.75 -9.25 2.34
C LYS A 98 5.57 -10.15 2.65
N LYS A 99 5.29 -11.08 1.76
CA LYS A 99 4.14 -11.97 1.90
C LYS A 99 4.34 -12.96 3.05
N GLY A 100 4.13 -12.48 4.28
CA GLY A 100 4.28 -13.32 5.46
C GLY A 100 5.67 -13.16 6.06
N ALA A 101 6.56 -12.50 5.33
CA ALA A 101 7.92 -12.26 5.80
C ALA A 101 7.96 -11.07 6.75
N GLU A 102 9.01 -11.01 7.58
CA GLU A 102 9.23 -9.88 8.47
C GLU A 102 9.34 -8.58 7.69
N LYS A 103 8.60 -7.56 8.12
CA LYS A 103 8.60 -6.26 7.45
C LYS A 103 9.80 -5.44 7.87
N GLU A 104 10.29 -4.60 6.95
CA GLU A 104 11.41 -3.71 7.23
C GLU A 104 10.95 -2.43 7.90
N GLU A 105 11.81 -1.85 8.72
CA GLU A 105 11.53 -0.58 9.36
C GLU A 105 12.00 0.59 8.49
N LEU A 106 11.33 1.73 8.63
CA LEU A 106 11.74 2.95 7.94
C LEU A 106 12.43 3.92 8.89
N PRO A 1 2.54 10.21 5.57
CA PRO A 1 1.80 9.73 6.73
C PRO A 1 0.37 9.38 6.36
N GLY A 2 -0.48 9.25 7.37
CA GLY A 2 -1.88 8.92 7.15
C GLY A 2 -2.10 7.41 7.05
N CYS A 3 -1.10 6.66 7.52
CA CYS A 3 -1.16 5.20 7.43
C CYS A 3 -2.23 4.63 8.35
N LEU A 4 -2.96 3.64 7.85
CA LEU A 4 -4.01 3.01 8.63
C LEU A 4 -3.66 1.57 9.00
N PRO A 5 -3.45 1.33 10.29
CA PRO A 5 -3.14 0.00 10.78
C PRO A 5 -4.13 -1.03 10.25
N ALA A 6 -5.38 -0.60 10.09
CA ALA A 6 -6.43 -1.46 9.55
C ALA A 6 -6.08 -1.95 8.15
N TYR A 7 -5.50 -1.06 7.36
CA TYR A 7 -5.19 -1.36 5.96
C TYR A 7 -3.94 -2.25 5.87
N ASP A 8 -3.03 -2.08 6.82
CA ASP A 8 -1.86 -2.95 6.92
C ASP A 8 -2.27 -4.39 7.17
N ALA A 9 -3.28 -4.58 8.02
CA ALA A 9 -3.84 -5.90 8.26
C ALA A 9 -4.45 -6.48 6.99
N LEU A 10 -5.17 -5.65 6.25
CA LEU A 10 -5.79 -6.07 5.00
C LEU A 10 -4.73 -6.44 3.97
N ALA A 11 -3.65 -5.66 3.93
CA ALA A 11 -2.55 -5.92 3.00
C ALA A 11 -1.96 -7.31 3.23
N GLY A 12 -1.79 -7.67 4.49
CA GLY A 12 -1.31 -9.01 4.84
C GLY A 12 -2.19 -10.09 4.25
N GLN A 13 -3.49 -10.01 4.53
CA GLN A 13 -4.45 -11.00 4.04
C GLN A 13 -4.52 -10.97 2.52
N PHE A 14 -4.41 -9.79 1.93
CA PHE A 14 -4.51 -9.63 0.50
C PHE A 14 -3.45 -10.45 -0.23
N ILE A 15 -2.21 -10.35 0.25
CA ILE A 15 -1.09 -11.05 -0.38
C ILE A 15 -1.14 -12.54 -0.09
N GLU A 16 -1.47 -12.89 1.15
CA GLU A 16 -1.53 -14.29 1.56
C GLU A 16 -2.56 -15.06 0.75
N ALA A 17 -3.71 -14.43 0.51
CA ALA A 17 -4.80 -15.09 -0.22
C ALA A 17 -4.35 -15.51 -1.61
N SER A 18 -4.70 -16.73 -2.00
CA SER A 18 -4.42 -17.22 -3.34
C SER A 18 -5.63 -17.03 -4.26
N SER A 19 -6.80 -16.84 -3.66
CA SER A 19 -8.03 -16.70 -4.41
C SER A 19 -8.28 -15.25 -4.80
N ARG A 20 -8.47 -15.02 -6.10
CA ARG A 20 -8.78 -13.68 -6.59
C ARG A 20 -10.01 -13.10 -5.92
N GLU A 21 -11.04 -13.93 -5.77
CA GLU A 21 -12.29 -13.50 -5.14
C GLU A 21 -12.07 -13.11 -3.69
N ALA A 22 -11.26 -13.90 -2.99
CA ALA A 22 -10.90 -13.60 -1.60
C ALA A 22 -10.15 -12.27 -1.52
N ARG A 23 -9.25 -12.03 -2.47
CA ARG A 23 -8.50 -10.79 -2.52
C ARG A 23 -9.42 -9.59 -2.79
N GLN A 24 -10.41 -9.80 -3.66
CA GLN A 24 -11.40 -8.77 -3.95
C GLN A 24 -12.24 -8.45 -2.71
N ALA A 25 -12.55 -9.48 -1.94
CA ALA A 25 -13.26 -9.29 -0.67
C ALA A 25 -12.45 -8.42 0.29
N ILE A 26 -11.15 -8.67 0.35
CA ILE A 26 -10.25 -7.86 1.16
C ILE A 26 -10.22 -6.42 0.69
N LEU A 27 -10.20 -6.24 -0.63
CA LEU A 27 -10.27 -4.91 -1.22
C LEU A 27 -11.55 -4.19 -0.82
N LYS A 28 -12.68 -4.90 -0.92
CA LYS A 28 -13.96 -4.35 -0.53
C LYS A 28 -13.93 -3.85 0.90
N GLN A 29 -13.37 -4.65 1.80
CA GLN A 29 -13.27 -4.28 3.21
C GLN A 29 -12.53 -2.97 3.38
N GLY A 30 -11.47 -2.79 2.60
CA GLY A 30 -10.74 -1.53 2.57
C GLY A 30 -11.62 -0.40 2.05
N GLN A 31 -12.28 -0.64 0.93
CA GLN A 31 -13.10 0.39 0.29
C GLN A 31 -14.24 0.83 1.20
N ASP A 32 -14.82 -0.12 1.91
CA ASP A 32 -15.88 0.18 2.88
C ASP A 32 -15.32 0.90 4.09
N GLY A 33 -14.16 0.46 4.56
CA GLY A 33 -13.50 1.08 5.70
C GLY A 33 -13.15 2.53 5.42
N LEU A 34 -12.96 2.85 4.14
CA LEU A 34 -12.64 4.22 3.72
C LEU A 34 -13.62 5.21 4.32
N SER A 35 -14.86 4.79 4.48
CA SER A 35 -15.93 5.69 4.91
C SER A 35 -15.70 6.19 6.33
N GLY A 36 -14.83 5.50 7.05
CA GLY A 36 -14.57 5.83 8.44
C GLY A 36 -13.19 6.46 8.62
N VAL A 37 -12.56 6.79 7.50
CA VAL A 37 -11.20 7.33 7.52
C VAL A 37 -11.22 8.85 7.59
N LYS A 38 -10.37 9.41 8.44
CA LYS A 38 -10.31 10.85 8.63
C LYS A 38 -9.95 11.55 7.32
N GLU A 39 -10.48 12.76 7.14
CA GLU A 39 -10.35 13.48 5.89
C GLU A 39 -8.88 13.65 5.51
N THR A 40 -8.03 13.79 6.51
CA THR A 40 -6.61 14.02 6.28
C THR A 40 -5.89 12.73 5.94
N ASP A 41 -6.56 11.60 6.20
CA ASP A 41 -5.95 10.29 5.98
C ASP A 41 -6.55 9.61 4.75
N LYS A 42 -7.67 10.13 4.29
CA LYS A 42 -8.38 9.54 3.16
C LYS A 42 -7.51 9.51 1.92
N LYS A 43 -6.62 10.50 1.80
CA LYS A 43 -5.69 10.56 0.69
C LYS A 43 -4.81 9.31 0.63
N TRP A 44 -4.19 8.97 1.75
CA TRP A 44 -3.38 7.76 1.86
C TRP A 44 -4.23 6.51 1.61
N ALA A 45 -5.41 6.48 2.22
CA ALA A 45 -6.32 5.35 2.07
C ALA A 45 -6.72 5.16 0.60
N SER A 46 -6.99 6.27 -0.08
CA SER A 46 -7.38 6.23 -1.48
C SER A 46 -6.26 5.68 -2.35
N GLN A 47 -5.05 6.17 -2.13
CA GLN A 47 -3.87 5.69 -2.85
C GLN A 47 -3.60 4.22 -2.53
N TYR A 48 -3.78 3.86 -1.27
CA TYR A 48 -3.61 2.47 -0.84
C TYR A 48 -4.50 1.53 -1.64
N LEU A 49 -5.78 1.87 -1.72
CA LEU A 49 -6.76 1.02 -2.38
C LEU A 49 -6.46 0.88 -3.87
N LYS A 50 -5.96 1.96 -4.47
CA LYS A 50 -5.56 1.93 -5.88
C LYS A 50 -4.40 0.97 -6.10
N ILE A 51 -3.43 1.00 -5.21
CA ILE A 51 -2.29 0.09 -5.27
C ILE A 51 -2.73 -1.35 -5.11
N MET A 52 -3.63 -1.58 -4.17
CA MET A 52 -4.19 -2.92 -3.96
C MET A 52 -4.87 -3.44 -5.21
N GLY A 53 -5.64 -2.57 -5.86
CA GLY A 53 -6.30 -2.93 -7.11
C GLY A 53 -5.29 -3.35 -8.17
N LYS A 54 -4.17 -2.64 -8.24
CA LYS A 54 -3.12 -2.96 -9.19
C LYS A 54 -2.48 -4.31 -8.89
N ILE A 55 -2.16 -4.54 -7.61
CA ILE A 55 -1.51 -5.77 -7.20
C ILE A 55 -2.35 -6.99 -7.56
N LEU A 56 -3.66 -6.85 -7.44
CA LEU A 56 -4.58 -7.94 -7.77
C LEU A 56 -4.20 -8.59 -9.09
N ASP A 57 -3.80 -7.77 -10.06
CA ASP A 57 -3.51 -8.25 -11.40
C ASP A 57 -2.00 -8.36 -11.63
N GLN A 58 -1.25 -7.45 -11.03
CA GLN A 58 0.19 -7.34 -11.28
C GLN A 58 0.94 -8.50 -10.62
N GLY A 59 0.41 -8.98 -9.50
CA GLY A 59 1.03 -10.08 -8.77
C GLY A 59 1.72 -9.59 -7.50
N GLU A 60 2.21 -10.53 -6.70
CA GLU A 60 2.67 -10.22 -5.35
C GLU A 60 4.10 -9.73 -5.36
N ASP A 61 4.68 -9.61 -6.55
CA ASP A 61 6.01 -9.03 -6.71
C ASP A 61 5.92 -7.52 -6.97
N PHE A 62 4.71 -7.03 -7.16
CA PHE A 62 4.50 -5.62 -7.51
C PHE A 62 4.97 -4.70 -6.40
N PRO A 63 4.64 -5.05 -5.16
CA PRO A 63 5.06 -4.27 -4.00
C PRO A 63 6.55 -3.97 -4.05
N ALA A 64 7.36 -5.02 -4.09
CA ALA A 64 8.81 -4.87 -4.00
C ALA A 64 9.35 -4.13 -5.22
N SER A 65 8.80 -4.41 -6.39
CA SER A 65 9.29 -3.84 -7.64
C SER A 65 9.20 -2.32 -7.62
N GLU A 66 8.01 -1.81 -7.32
CA GLU A 66 7.77 -0.37 -7.33
C GLU A 66 8.42 0.31 -6.13
N LEU A 67 8.43 -0.40 -5.00
CA LEU A 67 9.01 0.14 -3.77
C LEU A 67 10.49 0.47 -3.96
N ALA A 68 11.23 -0.48 -4.52
CA ALA A 68 12.66 -0.29 -4.76
C ALA A 68 12.91 0.92 -5.66
N ARG A 69 12.07 1.07 -6.68
CA ARG A 69 12.16 2.22 -7.58
C ARG A 69 11.90 3.51 -6.82
N ILE A 70 10.78 3.57 -6.11
CA ILE A 70 10.39 4.77 -5.38
C ILE A 70 11.41 5.13 -4.30
N SER A 71 11.87 4.10 -3.58
CA SER A 71 12.83 4.30 -2.51
C SER A 71 14.07 5.03 -3.00
N LYS A 72 14.55 4.65 -4.18
CA LYS A 72 15.73 5.26 -4.77
C LYS A 72 15.45 6.69 -5.21
N LEU A 73 14.26 6.91 -5.75
CA LEU A 73 13.87 8.23 -6.22
C LEU A 73 13.89 9.25 -5.10
N ILE A 74 13.55 8.81 -3.89
CA ILE A 74 13.54 9.68 -2.73
C ILE A 74 14.93 10.25 -2.46
N GLU A 75 15.96 9.53 -2.89
CA GLU A 75 17.34 9.94 -2.66
C GLU A 75 17.77 10.99 -3.67
N ASN A 76 16.92 11.26 -4.65
CA ASN A 76 17.25 12.18 -5.74
C ASN A 76 16.88 13.61 -5.38
N LYS A 77 17.30 14.55 -6.22
CA LYS A 77 17.02 15.96 -5.99
C LYS A 77 15.56 16.29 -6.26
N MET A 78 14.69 15.81 -5.38
CA MET A 78 13.25 16.01 -5.55
C MET A 78 12.76 17.22 -4.78
N SER A 79 11.62 17.76 -5.20
CA SER A 79 10.93 18.79 -4.43
C SER A 79 10.28 18.21 -3.18
N GLU A 80 9.95 19.07 -2.23
CA GLU A 80 9.32 18.64 -0.99
C GLU A 80 7.96 17.99 -1.26
N GLY A 81 7.26 18.50 -2.26
CA GLY A 81 6.00 17.91 -2.70
C GLY A 81 6.21 16.46 -3.15
N LYS A 82 7.18 16.26 -4.02
CA LYS A 82 7.47 14.93 -4.56
C LYS A 82 7.89 13.98 -3.45
N LYS A 83 8.68 14.47 -2.50
CA LYS A 83 9.16 13.67 -1.39
C LYS A 83 8.00 13.05 -0.61
N GLU A 84 6.98 13.85 -0.36
CA GLU A 84 5.79 13.38 0.35
C GLU A 84 5.09 12.27 -0.44
N GLU A 85 4.85 12.52 -1.71
CA GLU A 85 4.12 11.58 -2.56
C GLU A 85 4.89 10.28 -2.72
N LEU A 86 6.22 10.38 -2.82
CA LEU A 86 7.08 9.21 -2.92
C LEU A 86 7.02 8.38 -1.64
N GLN A 87 7.06 9.06 -0.49
CA GLN A 87 7.04 8.39 0.80
C GLN A 87 5.69 7.72 1.05
N ARG A 88 4.62 8.41 0.66
CA ARG A 88 3.27 7.87 0.80
C ARG A 88 3.12 6.57 0.02
N SER A 89 3.56 6.58 -1.23
CA SER A 89 3.50 5.39 -2.07
C SER A 89 4.37 4.27 -1.52
N LEU A 90 5.56 4.64 -1.05
CA LEU A 90 6.47 3.69 -0.42
C LEU A 90 5.81 3.02 0.77
N ASN A 91 5.23 3.81 1.65
CA ASN A 91 4.57 3.30 2.85
C ASN A 91 3.47 2.30 2.47
N ILE A 92 2.70 2.64 1.44
CA ILE A 92 1.63 1.78 0.97
C ILE A 92 2.17 0.44 0.49
N LEU A 93 3.18 0.49 -0.37
CA LEU A 93 3.76 -0.72 -0.94
C LEU A 93 4.42 -1.58 0.14
N THR A 94 5.01 -0.92 1.13
CA THR A 94 5.62 -1.62 2.25
C THR A 94 4.59 -2.47 3.00
N ALA A 95 3.36 -1.96 3.09
CA ALA A 95 2.31 -2.65 3.80
C ALA A 95 2.07 -4.04 3.23
N PHE A 96 2.39 -4.22 1.94
CA PHE A 96 2.14 -5.47 1.24
C PHE A 96 3.35 -6.39 1.30
N ARG A 97 4.33 -6.02 2.10
CA ARG A 97 5.53 -6.84 2.28
C ARG A 97 5.75 -7.17 3.75
N LYS A 98 5.77 -6.14 4.59
CA LYS A 98 6.16 -6.29 5.99
C LYS A 98 4.98 -6.71 6.85
N LYS A 99 4.45 -7.90 6.58
CA LYS A 99 3.24 -8.37 7.26
C LYS A 99 3.46 -8.48 8.76
N GLY A 100 2.56 -7.87 9.53
CA GLY A 100 2.56 -8.04 10.98
C GLY A 100 3.54 -7.07 11.64
N ALA A 101 4.25 -6.30 10.83
CA ALA A 101 5.24 -5.36 11.33
C ALA A 101 4.60 -4.05 11.76
N GLU A 102 5.11 -3.48 12.84
CA GLU A 102 4.65 -2.18 13.32
C GLU A 102 5.34 -1.04 12.58
N LYS A 103 5.04 -0.92 11.29
CA LYS A 103 5.71 0.07 10.45
C LYS A 103 5.48 1.48 10.96
N GLU A 104 6.56 2.24 11.12
CA GLU A 104 6.46 3.63 11.54
C GLU A 104 5.73 4.47 10.51
N GLU A 105 4.87 5.36 10.99
CA GLU A 105 4.18 6.31 10.12
C GLU A 105 5.12 7.43 9.67
N LEU A 106 5.37 7.47 8.37
CA LEU A 106 6.34 8.41 7.82
C LEU A 106 5.68 9.40 6.86
N PRO A 1 2.24 9.95 8.63
CA PRO A 1 0.95 10.43 9.14
C PRO A 1 -0.16 10.15 8.14
N GLY A 2 -1.38 9.99 8.65
CA GLY A 2 -2.53 9.73 7.80
C GLY A 2 -2.66 8.24 7.49
N CYS A 3 -1.78 7.44 8.09
CA CYS A 3 -1.77 5.99 7.84
C CYS A 3 -2.83 5.29 8.70
N LEU A 4 -3.39 4.22 8.16
CA LEU A 4 -4.46 3.50 8.83
C LEU A 4 -4.06 2.06 9.13
N PRO A 5 -3.69 1.80 10.39
CA PRO A 5 -3.28 0.46 10.80
C PRO A 5 -4.31 -0.58 10.41
N ALA A 6 -5.58 -0.18 10.38
CA ALA A 6 -6.66 -1.08 10.00
C ALA A 6 -6.46 -1.58 8.57
N TYR A 7 -5.96 -0.72 7.71
CA TYR A 7 -5.75 -1.07 6.31
C TYR A 7 -4.47 -1.88 6.12
N ASP A 8 -3.47 -1.56 6.92
CA ASP A 8 -2.21 -2.31 6.91
C ASP A 8 -2.45 -3.77 7.27
N ALA A 9 -3.34 -4.01 8.21
CA ALA A 9 -3.75 -5.36 8.56
C ALA A 9 -4.38 -6.07 7.37
N LEU A 10 -5.21 -5.35 6.62
CA LEU A 10 -5.83 -5.89 5.43
C LEU A 10 -4.79 -6.23 4.37
N ALA A 11 -3.76 -5.41 4.28
CA ALA A 11 -2.68 -5.62 3.32
C ALA A 11 -2.02 -6.98 3.54
N GLY A 12 -1.82 -7.32 4.82
CA GLY A 12 -1.30 -8.64 5.17
C GLY A 12 -2.21 -9.75 4.66
N GLN A 13 -3.49 -9.68 5.02
CA GLN A 13 -4.47 -10.66 4.59
C GLN A 13 -4.57 -10.70 3.06
N PHE A 14 -4.38 -9.54 2.43
CA PHE A 14 -4.48 -9.43 0.98
C PHE A 14 -3.33 -10.19 0.31
N ILE A 15 -2.11 -9.79 0.60
CA ILE A 15 -0.95 -10.21 -0.18
C ILE A 15 -0.66 -11.69 0.02
N GLU A 16 -0.99 -12.21 1.20
CA GLU A 16 -0.70 -13.60 1.54
C GLU A 16 -1.86 -14.51 1.19
N ALA A 17 -2.89 -13.93 0.58
CA ALA A 17 -4.05 -14.71 0.14
C ALA A 17 -3.69 -15.65 -0.99
N SER A 18 -4.34 -16.81 -1.01
CA SER A 18 -4.15 -17.77 -2.09
C SER A 18 -5.34 -17.78 -3.03
N SER A 19 -6.23 -16.81 -2.86
CA SER A 19 -7.47 -16.75 -3.64
C SER A 19 -7.75 -15.34 -4.12
N ARG A 20 -7.91 -15.19 -5.43
CA ARG A 20 -8.26 -13.90 -6.02
C ARG A 20 -9.56 -13.36 -5.42
N GLU A 21 -10.54 -14.24 -5.25
CA GLU A 21 -11.83 -13.85 -4.70
C GLU A 21 -11.69 -13.33 -3.27
N ALA A 22 -10.84 -13.99 -2.48
CA ALA A 22 -10.54 -13.54 -1.13
C ALA A 22 -9.89 -12.16 -1.15
N ARG A 23 -8.98 -11.95 -2.10
CA ARG A 23 -8.31 -10.67 -2.25
C ARG A 23 -9.29 -9.56 -2.60
N GLN A 24 -10.25 -9.88 -3.47
CA GLN A 24 -11.29 -8.93 -3.84
C GLN A 24 -12.17 -8.57 -2.65
N ALA A 25 -12.46 -9.57 -1.81
CA ALA A 25 -13.22 -9.34 -0.59
C ALA A 25 -12.50 -8.37 0.33
N ILE A 26 -11.19 -8.54 0.46
CA ILE A 26 -10.37 -7.66 1.28
C ILE A 26 -10.36 -6.24 0.71
N LEU A 27 -10.25 -6.15 -0.60
CA LEU A 27 -10.31 -4.85 -1.28
C LEU A 27 -11.62 -4.13 -0.98
N LYS A 28 -12.73 -4.86 -1.10
CA LYS A 28 -14.04 -4.30 -0.80
C LYS A 28 -14.10 -3.74 0.62
N GLN A 29 -13.58 -4.50 1.57
CA GLN A 29 -13.58 -4.09 2.97
C GLN A 29 -12.85 -2.75 3.14
N GLY A 30 -11.73 -2.60 2.44
CA GLY A 30 -11.00 -1.34 2.44
C GLY A 30 -11.84 -0.22 1.83
N GLN A 31 -12.42 -0.48 0.66
CA GLN A 31 -13.20 0.52 -0.05
C GLN A 31 -14.40 0.97 0.76
N ASP A 32 -15.04 0.02 1.45
CA ASP A 32 -16.16 0.34 2.32
C ASP A 32 -15.71 1.07 3.58
N GLY A 33 -14.58 0.64 4.13
CA GLY A 33 -14.02 1.27 5.31
C GLY A 33 -13.68 2.74 5.05
N LEU A 34 -13.41 3.05 3.78
CA LEU A 34 -13.08 4.42 3.40
C LEU A 34 -14.11 5.41 3.89
N SER A 35 -15.36 4.95 4.00
CA SER A 35 -16.46 5.83 4.38
C SER A 35 -16.30 6.33 5.81
N GLY A 36 -15.45 5.65 6.58
CA GLY A 36 -15.25 5.99 7.98
C GLY A 36 -13.88 6.62 8.20
N VAL A 37 -13.19 6.94 7.10
CA VAL A 37 -11.85 7.48 7.17
C VAL A 37 -11.87 9.01 7.18
N LYS A 38 -11.07 9.61 8.06
CA LYS A 38 -11.04 11.05 8.21
C LYS A 38 -10.63 11.74 6.91
N GLU A 39 -11.09 12.96 6.73
CA GLU A 39 -10.88 13.68 5.47
C GLU A 39 -9.39 13.84 5.19
N THR A 40 -8.59 13.96 6.25
CA THR A 40 -7.15 14.16 6.11
C THR A 40 -6.46 12.83 5.81
N ASP A 41 -7.16 11.73 6.02
CA ASP A 41 -6.58 10.41 5.90
C ASP A 41 -7.07 9.69 4.64
N LYS A 42 -8.17 10.18 4.09
CA LYS A 42 -8.75 9.60 2.88
C LYS A 42 -7.73 9.59 1.74
N LYS A 43 -6.87 10.60 1.71
CA LYS A 43 -5.82 10.67 0.71
C LYS A 43 -4.93 9.44 0.73
N TRP A 44 -4.43 9.10 1.92
CA TRP A 44 -3.61 7.90 2.09
C TRP A 44 -4.39 6.64 1.75
N ALA A 45 -5.60 6.55 2.25
CA ALA A 45 -6.46 5.39 2.01
C ALA A 45 -6.73 5.21 0.52
N SER A 46 -6.93 6.32 -0.17
CA SER A 46 -7.16 6.29 -1.61
C SER A 46 -5.96 5.74 -2.36
N GLN A 47 -4.77 6.23 -2.01
CA GLN A 47 -3.53 5.72 -2.57
C GLN A 47 -3.33 4.25 -2.21
N TYR A 48 -3.66 3.90 -0.98
CA TYR A 48 -3.57 2.52 -0.53
C TYR A 48 -4.41 1.59 -1.40
N LEU A 49 -5.67 1.96 -1.59
CA LEU A 49 -6.61 1.13 -2.33
C LEU A 49 -6.19 0.97 -3.78
N LYS A 50 -5.63 2.03 -4.35
CA LYS A 50 -5.13 2.00 -5.72
C LYS A 50 -4.00 0.98 -5.87
N ILE A 51 -3.09 0.97 -4.91
CA ILE A 51 -2.00 0.00 -4.90
C ILE A 51 -2.53 -1.42 -4.80
N MET A 52 -3.51 -1.63 -3.92
CA MET A 52 -4.12 -2.93 -3.75
C MET A 52 -4.80 -3.39 -5.04
N GLY A 53 -5.52 -2.47 -5.68
CA GLY A 53 -6.20 -2.77 -6.93
C GLY A 53 -5.22 -3.22 -8.01
N LYS A 54 -4.04 -2.63 -8.00
CA LYS A 54 -3.01 -2.97 -8.97
C LYS A 54 -2.42 -4.35 -8.69
N ILE A 55 -2.10 -4.61 -7.43
CA ILE A 55 -1.50 -5.87 -7.03
C ILE A 55 -2.40 -7.05 -7.39
N LEU A 56 -3.70 -6.87 -7.20
CA LEU A 56 -4.66 -7.91 -7.49
C LEU A 56 -4.37 -8.58 -8.83
N ASP A 57 -4.01 -7.78 -9.82
CA ASP A 57 -3.86 -8.25 -11.18
C ASP A 57 -2.39 -8.42 -11.55
N GLN A 58 -1.56 -7.51 -11.05
CA GLN A 58 -0.18 -7.40 -11.49
C GLN A 58 0.75 -8.26 -10.65
N GLY A 59 0.24 -8.74 -9.53
CA GLY A 59 0.98 -9.67 -8.68
C GLY A 59 2.13 -8.96 -7.97
N GLU A 60 3.11 -9.74 -7.50
CA GLU A 60 4.16 -9.21 -6.65
C GLU A 60 5.13 -8.35 -7.45
N ASP A 61 5.11 -8.51 -8.77
CA ASP A 61 6.04 -7.79 -9.64
C ASP A 61 5.83 -6.28 -9.52
N PHE A 62 4.59 -5.86 -9.34
CA PHE A 62 4.23 -4.45 -9.39
C PHE A 62 4.80 -3.69 -8.20
N PRO A 63 4.47 -4.16 -7.00
CA PRO A 63 4.92 -3.51 -5.78
C PRO A 63 6.42 -3.67 -5.56
N ALA A 64 6.97 -4.73 -6.15
CA ALA A 64 8.42 -4.94 -6.13
C ALA A 64 9.14 -3.87 -6.93
N SER A 65 8.63 -3.56 -8.12
CA SER A 65 9.21 -2.52 -8.96
C SER A 65 9.04 -1.15 -8.32
N GLU A 66 7.85 -0.87 -7.80
CA GLU A 66 7.54 0.43 -7.21
C GLU A 66 8.33 0.65 -5.93
N LEU A 67 8.46 -0.40 -5.13
CA LEU A 67 9.19 -0.32 -3.87
C LEU A 67 10.63 0.10 -4.10
N ALA A 68 11.32 -0.59 -5.00
CA ALA A 68 12.70 -0.28 -5.33
C ALA A 68 12.84 1.14 -5.85
N ARG A 69 11.97 1.50 -6.79
CA ARG A 69 12.00 2.83 -7.41
C ARG A 69 11.79 3.92 -6.36
N ILE A 70 10.73 3.77 -5.57
CA ILE A 70 10.35 4.79 -4.60
C ILE A 70 11.43 4.96 -3.54
N SER A 71 11.90 3.83 -3.00
CA SER A 71 12.91 3.84 -1.95
C SER A 71 14.16 4.58 -2.39
N LYS A 72 14.64 4.26 -3.58
CA LYS A 72 15.87 4.86 -4.10
C LYS A 72 15.69 6.36 -4.31
N LEU A 73 14.51 6.76 -4.77
CA LEU A 73 14.21 8.17 -5.00
C LEU A 73 14.29 8.95 -3.69
N ILE A 74 13.77 8.36 -2.62
CA ILE A 74 13.77 9.00 -1.31
C ILE A 74 15.19 9.29 -0.85
N GLU A 75 16.09 8.33 -1.07
CA GLU A 75 17.51 8.52 -0.78
C GLU A 75 18.11 9.61 -1.65
N ASN A 76 17.60 9.72 -2.87
CA ASN A 76 18.10 10.73 -3.82
C ASN A 76 17.68 12.13 -3.39
N LYS A 77 18.16 13.12 -4.14
CA LYS A 77 17.92 14.52 -3.77
C LYS A 77 16.55 14.98 -4.24
N MET A 78 15.51 14.47 -3.58
CA MET A 78 14.14 14.86 -3.90
C MET A 78 13.69 16.04 -3.04
N SER A 79 12.70 16.79 -3.53
CA SER A 79 12.13 17.89 -2.78
C SER A 79 11.34 17.39 -1.58
N GLU A 80 11.08 18.28 -0.64
CA GLU A 80 10.35 17.92 0.58
C GLU A 80 8.95 17.43 0.26
N GLY A 81 8.31 18.07 -0.71
CA GLY A 81 6.99 17.66 -1.16
C GLY A 81 7.04 16.28 -1.80
N LYS A 82 8.04 16.05 -2.64
CA LYS A 82 8.18 14.78 -3.33
C LYS A 82 8.47 13.64 -2.37
N LYS A 83 9.36 13.90 -1.42
CA LYS A 83 9.77 12.89 -0.45
C LYS A 83 8.57 12.37 0.34
N GLU A 84 7.71 13.29 0.76
CA GLU A 84 6.52 12.92 1.52
C GLU A 84 5.64 11.95 0.73
N GLU A 85 5.40 12.28 -0.53
CA GLU A 85 4.56 11.45 -1.39
C GLU A 85 5.21 10.09 -1.61
N LEU A 86 6.53 10.08 -1.76
CA LEU A 86 7.28 8.84 -1.92
C LEU A 86 7.20 7.99 -0.65
N GLN A 87 7.38 8.63 0.50
CA GLN A 87 7.36 7.93 1.78
C GLN A 87 5.98 7.34 2.06
N ARG A 88 4.94 8.11 1.75
CA ARG A 88 3.57 7.62 1.86
C ARG A 88 3.35 6.39 1.01
N SER A 89 3.80 6.44 -0.24
CA SER A 89 3.65 5.33 -1.17
C SER A 89 4.44 4.11 -0.70
N LEU A 90 5.64 4.36 -0.19
CA LEU A 90 6.51 3.28 0.28
C LEU A 90 5.90 2.58 1.49
N ASN A 91 5.34 3.36 2.40
CA ASN A 91 4.68 2.82 3.58
C ASN A 91 3.50 1.92 3.18
N ILE A 92 2.76 2.35 2.17
CA ILE A 92 1.66 1.56 1.64
C ILE A 92 2.15 0.22 1.10
N LEU A 93 3.23 0.27 0.31
CA LEU A 93 3.83 -0.94 -0.24
C LEU A 93 4.37 -1.84 0.85
N THR A 94 4.96 -1.23 1.88
CA THR A 94 5.48 -1.98 3.02
C THR A 94 4.39 -2.79 3.69
N ALA A 95 3.18 -2.24 3.73
CA ALA A 95 2.05 -2.93 4.33
C ALA A 95 1.80 -4.28 3.67
N PHE A 96 2.20 -4.40 2.41
CA PHE A 96 1.97 -5.61 1.65
C PHE A 96 3.18 -6.55 1.72
N ARG A 97 4.04 -6.32 2.69
CA ARG A 97 5.19 -7.18 2.93
C ARG A 97 4.74 -8.61 3.26
N LYS A 98 5.20 -9.56 2.46
CA LYS A 98 4.89 -10.97 2.71
C LYS A 98 5.82 -11.56 3.76
N LYS A 99 5.24 -12.32 4.68
CA LYS A 99 6.01 -12.96 5.75
C LYS A 99 7.16 -13.77 5.19
N GLY A 100 8.37 -13.49 5.67
CA GLY A 100 9.54 -14.26 5.29
C GLY A 100 10.26 -13.62 4.10
N ALA A 101 9.59 -12.65 3.48
CA ALA A 101 10.15 -11.97 2.31
C ALA A 101 11.13 -10.89 2.72
N GLU A 102 12.12 -10.64 1.86
CA GLU A 102 13.02 -9.51 2.04
C GLU A 102 12.51 -8.28 1.28
N LYS A 103 13.04 -7.12 1.64
CA LYS A 103 12.73 -5.88 0.94
C LYS A 103 13.13 -5.98 -0.53
N GLU A 104 12.19 -5.61 -1.41
CA GLU A 104 12.40 -5.76 -2.84
C GLU A 104 13.28 -4.65 -3.39
N GLU A 105 14.56 -4.68 -3.01
CA GLU A 105 15.52 -3.70 -3.50
C GLU A 105 16.08 -4.12 -4.86
N LEU A 106 15.79 -3.32 -5.88
CA LEU A 106 16.16 -3.65 -7.25
C LEU A 106 17.08 -2.60 -7.84
N PRO A 1 -4.15 10.39 9.60
CA PRO A 1 -3.70 9.10 9.07
C PRO A 1 -3.90 7.99 10.09
N GLY A 2 -4.74 8.24 11.09
CA GLY A 2 -4.82 7.38 12.26
C GLY A 2 -5.67 6.14 11.97
N CYS A 3 -6.28 6.12 10.79
CA CYS A 3 -7.11 4.99 10.39
C CYS A 3 -6.36 4.05 9.46
N LEU A 4 -5.20 4.50 8.98
CA LEU A 4 -4.50 3.81 7.91
C LEU A 4 -4.02 2.43 8.35
N PRO A 5 -3.63 2.33 9.62
CA PRO A 5 -3.17 1.06 10.18
C PRO A 5 -4.15 -0.06 9.88
N ALA A 6 -5.43 0.29 9.78
CA ALA A 6 -6.45 -0.68 9.42
C ALA A 6 -6.22 -1.25 8.03
N TYR A 7 -5.70 -0.42 7.13
CA TYR A 7 -5.47 -0.83 5.76
C TYR A 7 -4.16 -1.62 5.63
N ASP A 8 -3.24 -1.37 6.56
CA ASP A 8 -2.04 -2.19 6.67
C ASP A 8 -2.38 -3.63 6.98
N ALA A 9 -3.34 -3.83 7.88
CA ALA A 9 -3.84 -5.16 8.17
C ALA A 9 -4.46 -5.80 6.94
N LEU A 10 -5.24 -5.03 6.21
CA LEU A 10 -5.84 -5.51 4.96
C LEU A 10 -4.77 -5.79 3.92
N ALA A 11 -3.76 -4.94 3.85
CA ALA A 11 -2.69 -5.08 2.88
C ALA A 11 -1.95 -6.39 3.08
N GLY A 12 -1.65 -6.72 4.32
CA GLY A 12 -1.05 -8.01 4.66
C GLY A 12 -1.94 -9.16 4.22
N GLN A 13 -3.21 -9.11 4.62
CA GLN A 13 -4.17 -10.15 4.27
C GLN A 13 -4.33 -10.26 2.76
N PHE A 14 -4.23 -9.13 2.07
CA PHE A 14 -4.43 -9.10 0.63
C PHE A 14 -3.36 -9.91 -0.09
N ILE A 15 -2.10 -9.59 0.17
CA ILE A 15 -0.98 -10.21 -0.52
C ILE A 15 -0.83 -11.67 -0.14
N GLU A 16 -1.27 -12.00 1.08
CA GLU A 16 -1.22 -13.38 1.57
C GLU A 16 -2.53 -14.10 1.32
N ALA A 17 -3.41 -13.47 0.54
CA ALA A 17 -4.72 -14.05 0.23
C ALA A 17 -4.58 -15.39 -0.47
N SER A 18 -5.51 -16.29 -0.21
CA SER A 18 -5.46 -17.64 -0.76
C SER A 18 -6.05 -17.68 -2.17
N SER A 19 -6.74 -16.62 -2.55
CA SER A 19 -7.46 -16.59 -3.82
C SER A 19 -7.74 -15.16 -4.25
N ARG A 20 -8.01 -14.98 -5.55
CA ARG A 20 -8.43 -13.68 -6.06
C ARG A 20 -9.72 -13.21 -5.40
N GLU A 21 -10.63 -14.15 -5.16
CA GLU A 21 -11.90 -13.83 -4.52
C GLU A 21 -11.67 -13.31 -3.11
N ALA A 22 -10.75 -13.92 -2.39
CA ALA A 22 -10.35 -13.44 -1.06
C ALA A 22 -9.78 -12.04 -1.13
N ARG A 23 -8.96 -11.78 -2.15
CA ARG A 23 -8.37 -10.46 -2.35
C ARG A 23 -9.45 -9.41 -2.57
N GLN A 24 -10.45 -9.76 -3.37
CA GLN A 24 -11.56 -8.85 -3.65
C GLN A 24 -12.34 -8.52 -2.40
N ALA A 25 -12.53 -9.51 -1.55
CA ALA A 25 -13.18 -9.31 -0.26
C ALA A 25 -12.38 -8.35 0.62
N ILE A 26 -11.07 -8.54 0.66
CA ILE A 26 -10.20 -7.68 1.44
C ILE A 26 -10.24 -6.24 0.94
N LEU A 27 -10.23 -6.09 -0.38
CA LEU A 27 -10.35 -4.78 -0.99
C LEU A 27 -11.66 -4.10 -0.60
N LYS A 28 -12.75 -4.83 -0.74
CA LYS A 28 -14.08 -4.30 -0.43
C LYS A 28 -14.11 -3.72 0.98
N GLN A 29 -13.54 -4.44 1.93
CA GLN A 29 -13.49 -4.00 3.32
C GLN A 29 -12.85 -2.62 3.44
N GLY A 30 -11.74 -2.44 2.73
CA GLY A 30 -11.06 -1.15 2.69
C GLY A 30 -11.92 -0.10 2.01
N GLN A 31 -12.60 -0.49 0.93
CA GLN A 31 -13.46 0.42 0.19
C GLN A 31 -14.60 0.93 1.07
N ASP A 32 -15.27 0.01 1.75
CA ASP A 32 -16.38 0.35 2.63
C ASP A 32 -15.89 1.20 3.81
N GLY A 33 -14.68 0.92 4.27
CA GLY A 33 -14.14 1.58 5.44
C GLY A 33 -13.95 3.07 5.22
N LEU A 34 -13.96 3.47 3.95
CA LEU A 34 -13.74 4.87 3.58
C LEU A 34 -14.82 5.76 4.18
N SER A 35 -15.97 5.18 4.50
CA SER A 35 -17.09 5.94 5.02
C SER A 35 -16.94 6.19 6.52
N GLY A 36 -15.95 5.54 7.12
CA GLY A 36 -15.79 5.55 8.57
C GLY A 36 -14.49 6.23 8.97
N VAL A 37 -13.85 6.91 8.02
CA VAL A 37 -12.58 7.56 8.26
C VAL A 37 -12.62 9.02 7.84
N LYS A 38 -11.59 9.77 8.23
CA LYS A 38 -11.53 11.20 7.94
C LYS A 38 -10.93 11.46 6.56
N GLU A 39 -11.04 12.69 6.09
CA GLU A 39 -10.54 13.05 4.77
C GLU A 39 -9.04 12.83 4.66
N THR A 40 -8.33 13.09 5.75
CA THR A 40 -6.89 12.87 5.80
C THR A 40 -6.54 11.41 5.53
N ASP A 41 -7.41 10.51 5.99
CA ASP A 41 -7.19 9.08 5.83
C ASP A 41 -7.58 8.62 4.43
N LYS A 42 -8.61 9.24 3.87
CA LYS A 42 -9.12 8.86 2.56
C LYS A 42 -8.04 8.98 1.49
N LYS A 43 -7.20 10.00 1.62
CA LYS A 43 -6.12 10.22 0.67
C LYS A 43 -5.28 8.97 0.50
N TRP A 44 -4.72 8.48 1.60
CA TRP A 44 -3.80 7.34 1.56
C TRP A 44 -4.56 6.02 1.50
N ALA A 45 -5.75 6.01 2.10
CA ALA A 45 -6.63 4.84 2.02
C ALA A 45 -6.95 4.49 0.58
N SER A 46 -7.14 5.51 -0.25
CA SER A 46 -7.32 5.31 -1.68
C SER A 46 -6.11 4.65 -2.31
N GLN A 47 -4.92 5.12 -1.90
CA GLN A 47 -3.67 4.55 -2.38
C GLN A 47 -3.61 3.05 -2.13
N TYR A 48 -3.92 2.66 -0.90
CA TYR A 48 -4.01 1.24 -0.55
C TYR A 48 -4.87 0.47 -1.55
N LEU A 49 -6.07 0.99 -1.80
CA LEU A 49 -7.04 0.28 -2.62
C LEU A 49 -6.60 0.22 -4.07
N LYS A 50 -6.01 1.31 -4.56
CA LYS A 50 -5.49 1.36 -5.91
C LYS A 50 -4.38 0.34 -6.11
N ILE A 51 -3.51 0.22 -5.12
CA ILE A 51 -2.45 -0.79 -5.15
C ILE A 51 -3.02 -2.19 -5.17
N MET A 52 -4.02 -2.43 -4.32
CA MET A 52 -4.71 -3.72 -4.30
C MET A 52 -5.24 -4.09 -5.67
N GLY A 53 -5.86 -3.11 -6.34
CA GLY A 53 -6.44 -3.34 -7.66
C GLY A 53 -5.39 -3.85 -8.65
N LYS A 54 -4.16 -3.35 -8.50
CA LYS A 54 -3.07 -3.74 -9.38
C LYS A 54 -2.51 -5.11 -8.99
N ILE A 55 -2.32 -5.32 -7.70
CA ILE A 55 -1.75 -6.57 -7.20
C ILE A 55 -2.61 -7.76 -7.59
N LEU A 56 -3.93 -7.56 -7.55
CA LEU A 56 -4.87 -8.62 -7.90
C LEU A 56 -4.41 -9.38 -9.13
N ASP A 57 -3.84 -8.66 -10.09
CA ASP A 57 -3.43 -9.26 -11.36
C ASP A 57 -1.93 -9.41 -11.43
N GLN A 58 -1.21 -8.41 -10.93
CA GLN A 58 0.23 -8.32 -11.14
C GLN A 58 1.01 -9.03 -10.03
N GLY A 59 0.34 -9.26 -8.90
CA GLY A 59 0.94 -9.96 -7.78
C GLY A 59 1.97 -9.09 -7.07
N GLU A 60 2.83 -9.71 -6.28
CA GLU A 60 3.77 -8.98 -5.43
C GLU A 60 4.76 -8.19 -6.27
N ASP A 61 4.91 -8.57 -7.53
CA ASP A 61 5.90 -7.96 -8.41
C ASP A 61 5.67 -6.47 -8.54
N PHE A 62 4.40 -6.06 -8.50
CA PHE A 62 4.02 -4.69 -8.80
C PHE A 62 4.54 -3.73 -7.74
N PRO A 63 4.15 -3.96 -6.50
CA PRO A 63 4.55 -3.10 -5.39
C PRO A 63 6.05 -3.20 -5.13
N ALA A 64 6.64 -4.33 -5.50
CA ALA A 64 8.08 -4.53 -5.39
C ALA A 64 8.83 -3.60 -6.34
N SER A 65 8.34 -3.50 -7.57
CA SER A 65 8.95 -2.63 -8.56
C SER A 65 8.77 -1.15 -8.20
N GLU A 66 7.55 -0.81 -7.79
CA GLU A 66 7.23 0.57 -7.46
C GLU A 66 7.98 1.04 -6.23
N LEU A 67 8.14 0.13 -5.26
CA LEU A 67 8.87 0.44 -4.03
C LEU A 67 10.30 0.84 -4.32
N ALA A 68 10.99 0.02 -5.12
CA ALA A 68 12.37 0.30 -5.51
C ALA A 68 12.49 1.65 -6.20
N ARG A 69 11.54 1.95 -7.07
CA ARG A 69 11.50 3.23 -7.75
C ARG A 69 11.40 4.39 -6.76
N ILE A 70 10.43 4.29 -5.86
CA ILE A 70 10.21 5.34 -4.86
C ILE A 70 11.40 5.48 -3.93
N SER A 71 11.97 4.35 -3.53
CA SER A 71 13.13 4.33 -2.65
C SER A 71 14.25 5.20 -3.21
N LYS A 72 14.52 5.05 -4.50
CA LYS A 72 15.56 5.84 -5.16
C LYS A 72 15.22 7.32 -5.15
N LEU A 73 13.95 7.63 -5.38
CA LEU A 73 13.49 9.01 -5.41
C LEU A 73 13.67 9.68 -4.06
N ILE A 74 13.43 8.92 -2.99
CA ILE A 74 13.59 9.43 -1.63
C ILE A 74 15.02 9.86 -1.37
N GLU A 75 15.97 9.05 -1.83
CA GLU A 75 17.38 9.37 -1.69
C GLU A 75 17.78 10.51 -2.63
N ASN A 76 17.04 10.65 -3.72
CA ASN A 76 17.32 11.69 -4.70
C ASN A 76 16.96 13.07 -4.16
N LYS A 77 17.26 14.11 -4.95
CA LYS A 77 17.09 15.48 -4.50
C LYS A 77 15.63 15.91 -4.63
N MET A 78 14.76 15.33 -3.82
CA MET A 78 13.35 15.69 -3.81
C MET A 78 13.08 16.78 -2.78
N SER A 79 11.99 17.52 -3.00
CA SER A 79 11.49 18.45 -1.99
C SER A 79 11.02 17.71 -0.74
N GLU A 80 11.05 18.39 0.39
CA GLU A 80 10.63 17.80 1.66
C GLU A 80 9.15 17.42 1.62
N GLY A 81 8.36 18.23 0.94
CA GLY A 81 6.94 17.96 0.76
C GLY A 81 6.72 16.63 0.05
N LYS A 82 7.33 16.49 -1.13
CA LYS A 82 7.19 15.27 -1.91
C LYS A 82 7.89 14.10 -1.25
N LYS A 83 9.02 14.37 -0.61
CA LYS A 83 9.79 13.34 0.07
C LYS A 83 8.92 12.59 1.09
N GLU A 84 8.16 13.34 1.88
CA GLU A 84 7.26 12.75 2.85
C GLU A 84 6.26 11.80 2.19
N GLU A 85 5.64 12.27 1.11
CA GLU A 85 4.67 11.47 0.38
C GLU A 85 5.32 10.20 -0.19
N LEU A 86 6.55 10.34 -0.67
CA LEU A 86 7.30 9.21 -1.19
C LEU A 86 7.61 8.20 -0.09
N GLN A 87 8.01 8.71 1.07
CA GLN A 87 8.34 7.86 2.21
C GLN A 87 7.10 7.12 2.71
N ARG A 88 5.98 7.83 2.75
CA ARG A 88 4.70 7.22 3.12
C ARG A 88 4.27 6.18 2.10
N SER A 89 4.43 6.51 0.83
CA SER A 89 4.09 5.59 -0.26
C SER A 89 4.93 4.33 -0.19
N LEU A 90 6.21 4.48 0.11
CA LEU A 90 7.09 3.34 0.30
C LEU A 90 6.58 2.41 1.39
N ASN A 91 6.22 3.00 2.54
CA ASN A 91 5.71 2.22 3.66
C ASN A 91 4.43 1.50 3.29
N ILE A 92 3.58 2.16 2.53
CA ILE A 92 2.32 1.57 2.06
C ILE A 92 2.59 0.35 1.19
N LEU A 93 3.51 0.49 0.25
CA LEU A 93 3.89 -0.62 -0.63
C LEU A 93 4.51 -1.77 0.16
N THR A 94 5.29 -1.42 1.18
CA THR A 94 5.92 -2.42 2.04
C THR A 94 4.87 -3.33 2.67
N ALA A 95 3.75 -2.73 3.07
CA ALA A 95 2.67 -3.48 3.68
C ALA A 95 2.14 -4.57 2.73
N PHE A 96 2.37 -4.37 1.44
CA PHE A 96 1.86 -5.29 0.43
C PHE A 96 2.92 -6.30 0.02
N ARG A 97 3.98 -6.39 0.80
CA ARG A 97 5.01 -7.40 0.59
C ARG A 97 4.83 -8.58 1.54
N LYS A 98 5.08 -9.79 1.04
CA LYS A 98 4.93 -10.99 1.85
C LYS A 98 6.00 -11.07 2.93
N LYS A 99 7.22 -10.68 2.58
CA LYS A 99 8.31 -10.60 3.54
C LYS A 99 8.04 -9.54 4.59
N GLY A 100 7.39 -8.45 4.17
CA GLY A 100 6.96 -7.41 5.09
C GLY A 100 6.00 -7.97 6.14
N ALA A 101 4.92 -8.60 5.67
CA ALA A 101 3.92 -9.17 6.56
C ALA A 101 4.54 -10.20 7.49
N GLU A 102 5.50 -10.98 6.97
CA GLU A 102 6.20 -11.97 7.76
C GLU A 102 6.93 -11.31 8.94
N LYS A 103 7.70 -10.28 8.64
CA LYS A 103 8.51 -9.61 9.65
C LYS A 103 7.63 -9.01 10.74
N GLU A 104 6.46 -8.51 10.34
CA GLU A 104 5.55 -7.87 11.28
C GLU A 104 5.10 -8.84 12.37
N GLU A 105 5.11 -10.13 12.04
CA GLU A 105 4.66 -11.17 12.97
C GLU A 105 5.79 -12.14 13.30
N LEU A 106 7.01 -11.69 13.11
CA LEU A 106 8.18 -12.54 13.35
C LEU A 106 8.78 -12.25 14.73
N PRO A 1 0.98 11.83 8.67
CA PRO A 1 -0.30 11.87 9.36
C PRO A 1 -1.38 11.18 8.54
N GLY A 2 -2.49 10.84 9.19
CA GLY A 2 -3.62 10.21 8.52
C GLY A 2 -3.41 8.70 8.38
N CYS A 3 -2.46 8.18 9.14
CA CYS A 3 -2.15 6.75 9.09
C CYS A 3 -3.35 5.91 9.53
N LEU A 4 -3.66 4.88 8.75
CA LEU A 4 -4.77 3.99 9.06
C LEU A 4 -4.29 2.55 9.19
N PRO A 5 -3.96 2.14 10.41
CA PRO A 5 -3.43 0.81 10.66
C PRO A 5 -4.39 -0.26 10.14
N ALA A 6 -5.66 0.09 10.03
CA ALA A 6 -6.68 -0.83 9.53
C ALA A 6 -6.33 -1.31 8.12
N TYR A 7 -5.75 -0.42 7.33
CA TYR A 7 -5.46 -0.72 5.92
C TYR A 7 -4.12 -1.43 5.78
N ASP A 8 -3.30 -1.34 6.82
CA ASP A 8 -2.11 -2.18 6.91
C ASP A 8 -2.47 -3.61 7.27
N ALA A 9 -3.47 -3.77 8.13
CA ALA A 9 -4.03 -5.08 8.43
C ALA A 9 -4.64 -5.71 7.17
N LEU A 10 -5.38 -4.91 6.41
CA LEU A 10 -5.96 -5.37 5.16
C LEU A 10 -4.86 -5.72 4.15
N ALA A 11 -3.81 -4.90 4.11
CA ALA A 11 -2.70 -5.13 3.20
C ALA A 11 -2.08 -6.50 3.44
N GLY A 12 -1.87 -6.84 4.72
CA GLY A 12 -1.40 -8.16 5.09
C GLY A 12 -2.36 -9.25 4.60
N GLN A 13 -3.62 -9.13 4.99
CA GLN A 13 -4.62 -10.12 4.64
C GLN A 13 -4.75 -10.26 3.12
N PHE A 14 -4.56 -9.15 2.41
CA PHE A 14 -4.70 -9.14 0.96
C PHE A 14 -3.68 -10.06 0.31
N ILE A 15 -2.42 -9.87 0.64
CA ILE A 15 -1.33 -10.61 0.01
C ILE A 15 -1.22 -12.02 0.58
N GLU A 16 -1.88 -12.25 1.71
CA GLU A 16 -1.97 -13.58 2.28
C GLU A 16 -3.20 -14.33 1.74
N ALA A 17 -3.91 -13.70 0.82
CA ALA A 17 -5.11 -14.29 0.24
C ALA A 17 -4.78 -15.60 -0.46
N SER A 18 -5.73 -16.54 -0.42
CA SER A 18 -5.54 -17.84 -1.03
C SER A 18 -6.08 -17.85 -2.45
N SER A 19 -6.85 -16.82 -2.81
CA SER A 19 -7.55 -16.79 -4.09
C SER A 19 -7.79 -15.36 -4.54
N ARG A 20 -8.06 -15.19 -5.83
CA ARG A 20 -8.44 -13.89 -6.37
C ARG A 20 -9.67 -13.33 -5.66
N GLU A 21 -10.65 -14.19 -5.44
CA GLU A 21 -11.88 -13.79 -4.76
C GLU A 21 -11.60 -13.30 -3.34
N ALA A 22 -10.70 -14.00 -2.66
CA ALA A 22 -10.29 -13.60 -1.32
C ALA A 22 -9.63 -12.22 -1.33
N ARG A 23 -8.78 -11.99 -2.33
CA ARG A 23 -8.16 -10.68 -2.51
C ARG A 23 -9.20 -9.59 -2.71
N GLN A 24 -10.19 -9.88 -3.55
CA GLN A 24 -11.26 -8.93 -3.83
C GLN A 24 -12.09 -8.65 -2.58
N ALA A 25 -12.30 -9.68 -1.78
CA ALA A 25 -13.03 -9.54 -0.52
C ALA A 25 -12.33 -8.55 0.42
N ILE A 26 -11.01 -8.67 0.50
CA ILE A 26 -10.22 -7.78 1.34
C ILE A 26 -10.22 -6.36 0.78
N LEU A 27 -10.13 -6.23 -0.53
CA LEU A 27 -10.26 -4.95 -1.20
C LEU A 27 -11.60 -4.30 -0.87
N LYS A 28 -12.68 -5.06 -0.98
CA LYS A 28 -14.02 -4.57 -0.67
C LYS A 28 -14.08 -4.03 0.75
N GLN A 29 -13.50 -4.77 1.69
CA GLN A 29 -13.48 -4.35 3.08
C GLN A 29 -12.82 -2.99 3.24
N GLY A 30 -11.75 -2.76 2.48
CA GLY A 30 -11.11 -1.45 2.44
C GLY A 30 -12.05 -0.40 1.86
N GLN A 31 -12.67 -0.72 0.74
CA GLN A 31 -13.53 0.22 0.04
C GLN A 31 -14.74 0.61 0.90
N ASP A 32 -15.28 -0.36 1.63
CA ASP A 32 -16.39 -0.12 2.54
C ASP A 32 -15.92 0.62 3.78
N GLY A 33 -14.76 0.24 4.30
CA GLY A 33 -14.19 0.90 5.47
C GLY A 33 -13.91 2.37 5.18
N LEU A 34 -13.69 2.70 3.91
CA LEU A 34 -13.43 4.07 3.51
C LEU A 34 -14.52 5.01 4.01
N SER A 35 -15.73 4.49 4.13
CA SER A 35 -16.89 5.30 4.51
C SER A 35 -16.73 5.84 5.94
N GLY A 36 -15.83 5.22 6.70
CA GLY A 36 -15.60 5.61 8.08
C GLY A 36 -14.29 6.36 8.23
N VAL A 37 -13.67 6.69 7.10
CA VAL A 37 -12.37 7.35 7.11
C VAL A 37 -12.52 8.86 6.94
N LYS A 38 -11.82 9.61 7.78
CA LYS A 38 -11.91 11.07 7.75
C LYS A 38 -11.43 11.63 6.42
N GLU A 39 -12.00 12.75 6.00
CA GLU A 39 -11.70 13.34 4.71
C GLU A 39 -10.19 13.51 4.53
N THR A 40 -9.51 13.84 5.61
CA THR A 40 -8.08 14.12 5.55
C THR A 40 -7.26 12.85 5.46
N ASP A 41 -7.90 11.72 5.78
CA ASP A 41 -7.20 10.45 5.89
C ASP A 41 -7.55 9.53 4.72
N LYS A 42 -8.55 9.93 3.94
CA LYS A 42 -8.96 9.14 2.78
C LYS A 42 -7.82 8.96 1.80
N LYS A 43 -6.92 9.94 1.75
CA LYS A 43 -5.76 9.89 0.88
C LYS A 43 -4.88 8.69 1.21
N TRP A 44 -4.68 8.45 2.51
CA TRP A 44 -3.99 7.25 2.97
C TRP A 44 -4.70 5.99 2.49
N ALA A 45 -5.99 5.90 2.79
CA ALA A 45 -6.78 4.74 2.40
C ALA A 45 -6.75 4.52 0.89
N SER A 46 -6.81 5.60 0.15
CA SER A 46 -6.89 5.53 -1.31
C SER A 46 -5.67 4.83 -1.89
N GLN A 47 -4.50 5.14 -1.34
CA GLN A 47 -3.25 4.56 -1.83
C GLN A 47 -3.25 3.05 -1.70
N TYR A 48 -3.77 2.55 -0.58
CA TYR A 48 -3.88 1.12 -0.35
C TYR A 48 -4.89 0.49 -1.30
N LEU A 49 -6.01 1.17 -1.53
CA LEU A 49 -7.04 0.67 -2.41
C LEU A 49 -6.55 0.57 -3.85
N LYS A 50 -5.76 1.56 -4.26
CA LYS A 50 -5.20 1.59 -5.61
C LYS A 50 -4.22 0.43 -5.82
N ILE A 51 -3.36 0.21 -4.84
CA ILE A 51 -2.35 -0.84 -4.93
C ILE A 51 -3.01 -2.21 -5.02
N MET A 52 -3.98 -2.46 -4.15
CA MET A 52 -4.71 -3.72 -4.16
C MET A 52 -5.43 -3.93 -5.48
N GLY A 53 -6.03 -2.87 -6.01
CA GLY A 53 -6.70 -2.93 -7.30
C GLY A 53 -5.73 -3.32 -8.41
N LYS A 54 -4.50 -2.82 -8.31
CA LYS A 54 -3.48 -3.09 -9.32
C LYS A 54 -2.98 -4.53 -9.24
N ILE A 55 -2.75 -4.98 -8.01
CA ILE A 55 -2.18 -6.31 -7.79
C ILE A 55 -3.04 -7.40 -8.43
N LEU A 56 -4.35 -7.24 -8.32
CA LEU A 56 -5.28 -8.22 -8.86
C LEU A 56 -4.93 -8.57 -10.31
N ASP A 57 -4.43 -7.58 -11.05
CA ASP A 57 -4.17 -7.75 -12.47
C ASP A 57 -2.67 -7.78 -12.75
N GLN A 58 -1.90 -7.08 -11.92
CA GLN A 58 -0.48 -6.87 -12.20
C GLN A 58 0.37 -7.91 -11.48
N GLY A 59 -0.18 -8.52 -10.45
CA GLY A 59 0.55 -9.50 -9.65
C GLY A 59 1.09 -8.88 -8.36
N GLU A 60 1.48 -9.72 -7.43
CA GLU A 60 1.88 -9.26 -6.10
C GLU A 60 3.33 -8.76 -6.11
N ASP A 61 3.93 -8.74 -7.29
CA ASP A 61 5.25 -8.14 -7.46
C ASP A 61 5.15 -6.66 -7.83
N PHE A 62 3.92 -6.20 -8.06
CA PHE A 62 3.69 -4.83 -8.49
C PHE A 62 4.22 -3.83 -7.47
N PRO A 63 3.89 -4.06 -6.21
CA PRO A 63 4.41 -3.22 -5.13
C PRO A 63 5.92 -3.05 -5.23
N ALA A 64 6.61 -4.14 -5.53
CA ALA A 64 8.07 -4.13 -5.55
C ALA A 64 8.60 -3.27 -6.68
N SER A 65 7.95 -3.34 -7.84
CA SER A 65 8.34 -2.54 -8.99
C SER A 65 8.21 -1.05 -8.68
N GLU A 66 7.11 -0.67 -8.04
CA GLU A 66 6.89 0.71 -7.64
C GLU A 66 7.81 1.12 -6.50
N LEU A 67 8.03 0.18 -5.58
CA LEU A 67 8.92 0.43 -4.44
C LEU A 67 10.31 0.84 -4.91
N ALA A 68 10.86 0.08 -5.85
CA ALA A 68 12.17 0.39 -6.41
C ALA A 68 12.19 1.78 -7.02
N ARG A 69 11.13 2.11 -7.76
CA ARG A 69 11.00 3.43 -8.36
C ARG A 69 11.02 4.53 -7.30
N ILE A 70 10.20 4.35 -6.26
CA ILE A 70 10.13 5.33 -5.19
C ILE A 70 11.47 5.45 -4.46
N SER A 71 12.11 4.32 -4.22
CA SER A 71 13.41 4.30 -3.54
C SER A 71 14.43 5.14 -4.29
N LYS A 72 14.47 4.99 -5.60
CA LYS A 72 15.39 5.75 -6.43
C LYS A 72 15.12 7.24 -6.34
N LEU A 73 13.84 7.60 -6.26
CA LEU A 73 13.45 9.00 -6.15
C LEU A 73 13.87 9.58 -4.80
N ILE A 74 13.74 8.78 -3.75
CA ILE A 74 14.09 9.21 -2.40
C ILE A 74 15.57 9.57 -2.31
N GLU A 75 16.41 8.81 -2.99
CA GLU A 75 17.85 9.04 -2.97
C GLU A 75 18.24 10.14 -3.96
N ASN A 76 17.24 10.71 -4.62
CA ASN A 76 17.48 11.80 -5.57
C ASN A 76 17.27 13.15 -4.91
N LYS A 77 17.59 14.21 -5.65
CA LYS A 77 17.36 15.57 -5.18
C LYS A 77 15.88 15.87 -5.02
N MET A 78 15.44 16.04 -3.78
CA MET A 78 14.02 16.20 -3.48
C MET A 78 13.80 17.31 -2.47
N SER A 79 12.65 17.98 -2.57
CA SER A 79 12.19 18.88 -1.51
C SER A 79 11.71 18.10 -0.29
N GLU A 80 11.58 18.80 0.83
CA GLU A 80 11.13 18.19 2.07
C GLU A 80 9.72 17.61 1.92
N GLY A 81 8.89 18.29 1.15
CA GLY A 81 7.56 17.80 0.84
C GLY A 81 7.61 16.47 0.09
N LYS A 82 8.45 16.42 -0.94
CA LYS A 82 8.59 15.23 -1.76
C LYS A 82 9.13 14.06 -0.94
N LYS A 83 10.05 14.37 -0.03
CA LYS A 83 10.66 13.35 0.82
C LYS A 83 9.61 12.60 1.62
N GLU A 84 8.69 13.35 2.22
CA GLU A 84 7.59 12.76 2.99
C GLU A 84 6.69 11.92 2.10
N GLU A 85 6.31 12.48 0.96
CA GLU A 85 5.44 11.80 0.01
C GLU A 85 6.05 10.47 -0.43
N LEU A 86 7.33 10.50 -0.78
CA LEU A 86 8.01 9.33 -1.32
C LEU A 86 8.24 8.27 -0.26
N GLN A 87 8.75 8.70 0.89
CA GLN A 87 9.04 7.79 1.99
C GLN A 87 7.76 7.13 2.51
N ARG A 88 6.70 7.92 2.59
CA ARG A 88 5.38 7.39 2.93
C ARG A 88 4.94 6.33 1.92
N SER A 89 5.05 6.67 0.64
CA SER A 89 4.66 5.76 -0.43
C SER A 89 5.43 4.45 -0.37
N LEU A 90 6.73 4.56 -0.11
CA LEU A 90 7.58 3.38 0.02
C LEU A 90 7.06 2.44 1.11
N ASN A 91 6.80 3.00 2.29
CA ASN A 91 6.32 2.21 3.42
C ASN A 91 4.99 1.55 3.10
N ILE A 92 4.12 2.29 2.42
CA ILE A 92 2.81 1.77 2.03
C ILE A 92 2.94 0.62 1.04
N LEU A 93 3.82 0.81 0.05
CA LEU A 93 4.12 -0.24 -0.92
C LEU A 93 4.75 -1.45 -0.25
N THR A 94 5.62 -1.20 0.73
CA THR A 94 6.26 -2.26 1.49
C THR A 94 5.24 -3.12 2.22
N ALA A 95 4.16 -2.48 2.67
CA ALA A 95 3.10 -3.17 3.39
C ALA A 95 2.53 -4.32 2.57
N PHE A 96 2.68 -4.23 1.25
CA PHE A 96 2.16 -5.25 0.35
C PHE A 96 3.27 -6.17 -0.15
N ARG A 97 4.45 -6.05 0.46
CA ARG A 97 5.60 -6.83 0.04
C ARG A 97 5.58 -8.22 0.65
N LYS A 98 5.68 -9.24 -0.19
CA LYS A 98 5.68 -10.63 0.27
C LYS A 98 7.01 -11.00 0.91
N LYS A 99 7.28 -10.45 2.08
CA LYS A 99 8.57 -10.64 2.74
C LYS A 99 8.89 -12.12 2.91
N GLY A 100 10.10 -12.52 2.51
CA GLY A 100 10.51 -13.91 2.58
C GLY A 100 10.55 -14.53 1.19
N ALA A 101 9.79 -13.95 0.26
CA ALA A 101 9.79 -14.41 -1.13
C ALA A 101 11.19 -14.38 -1.72
N GLU A 102 12.02 -13.49 -1.22
CA GLU A 102 13.38 -13.33 -1.72
C GLU A 102 14.17 -14.63 -1.59
N LYS A 103 13.71 -15.50 -0.70
CA LYS A 103 14.37 -16.78 -0.48
C LYS A 103 13.46 -17.95 -0.85
N GLU A 104 12.15 -17.76 -0.66
CA GLU A 104 11.20 -18.85 -0.79
C GLU A 104 10.73 -19.01 -2.22
N GLU A 105 10.60 -17.90 -2.92
CA GLU A 105 9.98 -17.90 -4.25
C GLU A 105 11.02 -17.58 -5.33
N LEU A 106 11.97 -16.72 -4.99
CA LEU A 106 12.98 -16.29 -5.95
C LEU A 106 13.86 -17.46 -6.38
N PRO A 1 -2.58 9.94 8.84
CA PRO A 1 -2.89 8.61 8.33
C PRO A 1 -3.32 7.67 9.45
N GLY A 2 -4.37 8.06 10.17
CA GLY A 2 -4.82 7.30 11.32
C GLY A 2 -5.57 6.05 10.90
N CYS A 3 -5.76 5.88 9.59
CA CYS A 3 -6.41 4.70 9.05
C CYS A 3 -5.40 3.65 8.64
N LEU A 4 -4.12 4.03 8.64
CA LEU A 4 -3.06 3.17 8.13
C LEU A 4 -3.08 1.81 8.83
N PRO A 5 -3.25 1.84 10.15
CA PRO A 5 -3.28 0.62 10.94
C PRO A 5 -4.24 -0.40 10.34
N ALA A 6 -5.49 0.01 10.14
CA ALA A 6 -6.52 -0.88 9.63
C ALA A 6 -6.15 -1.40 8.24
N TYR A 7 -5.61 -0.53 7.41
CA TYR A 7 -5.28 -0.87 6.03
C TYR A 7 -4.06 -1.78 5.98
N ASP A 8 -3.16 -1.62 6.93
CA ASP A 8 -2.01 -2.51 7.06
C ASP A 8 -2.42 -3.91 7.45
N ALA A 9 -3.41 -4.01 8.34
CA ALA A 9 -3.99 -5.29 8.71
C ALA A 9 -4.60 -5.99 7.50
N LEU A 10 -5.28 -5.21 6.66
CA LEU A 10 -5.84 -5.74 5.42
C LEU A 10 -4.75 -6.21 4.47
N ALA A 11 -3.67 -5.43 4.38
CA ALA A 11 -2.52 -5.81 3.56
C ALA A 11 -1.93 -7.13 4.01
N GLY A 12 -1.88 -7.34 5.32
CA GLY A 12 -1.44 -8.62 5.87
C GLY A 12 -2.25 -9.77 5.30
N GLN A 13 -3.57 -9.68 5.43
CA GLN A 13 -4.46 -10.71 4.90
C GLN A 13 -4.35 -10.81 3.38
N PHE A 14 -4.17 -9.67 2.74
CA PHE A 14 -4.02 -9.62 1.29
C PHE A 14 -2.85 -10.49 0.83
N ILE A 15 -1.70 -10.33 1.50
CA ILE A 15 -0.50 -11.08 1.16
C ILE A 15 -0.70 -12.56 1.39
N GLU A 16 -1.24 -12.91 2.55
CA GLU A 16 -1.40 -14.31 2.93
C GLU A 16 -2.42 -15.01 2.04
N ALA A 17 -3.43 -14.27 1.62
CA ALA A 17 -4.46 -14.80 0.74
C ALA A 17 -3.84 -15.43 -0.51
N SER A 18 -4.26 -16.64 -0.83
CA SER A 18 -3.67 -17.40 -1.93
C SER A 18 -4.47 -17.21 -3.21
N SER A 19 -5.71 -16.75 -3.07
CA SER A 19 -6.62 -16.63 -4.20
C SER A 19 -6.95 -15.18 -4.50
N ARG A 20 -7.19 -14.88 -5.78
CA ARG A 20 -7.64 -13.55 -6.18
C ARG A 20 -8.94 -13.18 -5.49
N GLU A 21 -9.84 -14.15 -5.39
CA GLU A 21 -11.16 -13.91 -4.82
C GLU A 21 -11.06 -13.46 -3.37
N ALA A 22 -10.21 -14.12 -2.61
CA ALA A 22 -9.96 -13.75 -1.21
C ALA A 22 -9.34 -12.35 -1.13
N ARG A 23 -8.41 -12.07 -2.01
CA ARG A 23 -7.75 -10.76 -2.05
C ARG A 23 -8.71 -9.68 -2.48
N GLN A 24 -9.62 -10.03 -3.39
CA GLN A 24 -10.66 -9.11 -3.83
C GLN A 24 -11.59 -8.73 -2.67
N ALA A 25 -11.91 -9.71 -1.84
CA ALA A 25 -12.72 -9.47 -0.64
C ALA A 25 -12.03 -8.48 0.29
N ILE A 26 -10.71 -8.61 0.42
CA ILE A 26 -9.92 -7.69 1.22
C ILE A 26 -9.98 -6.27 0.65
N LEU A 27 -9.88 -6.18 -0.67
CA LEU A 27 -10.01 -4.90 -1.36
C LEU A 27 -11.35 -4.24 -1.05
N LYS A 28 -12.42 -5.02 -1.14
CA LYS A 28 -13.76 -4.52 -0.86
C LYS A 28 -13.87 -4.01 0.56
N GLN A 29 -13.29 -4.75 1.50
CA GLN A 29 -13.28 -4.34 2.90
C GLN A 29 -12.59 -3.00 3.08
N GLY A 30 -11.49 -2.81 2.36
CA GLY A 30 -10.78 -1.54 2.36
C GLY A 30 -11.65 -0.42 1.77
N GLN A 31 -12.26 -0.70 0.62
CA GLN A 31 -13.07 0.29 -0.07
C GLN A 31 -14.25 0.74 0.78
N ASP A 32 -14.86 -0.21 1.49
CA ASP A 32 -15.94 0.09 2.41
C ASP A 32 -15.43 0.81 3.65
N GLY A 33 -14.28 0.38 4.15
CA GLY A 33 -13.66 1.00 5.31
C GLY A 33 -13.34 2.46 5.05
N LEU A 34 -13.13 2.80 3.77
CA LEU A 34 -12.83 4.17 3.38
C LEU A 34 -13.85 5.14 3.95
N SER A 35 -15.09 4.68 4.08
CA SER A 35 -16.18 5.55 4.51
C SER A 35 -15.98 6.04 5.94
N GLY A 36 -15.12 5.34 6.67
CA GLY A 36 -14.89 5.66 8.08
C GLY A 36 -13.54 6.37 8.27
N VAL A 37 -12.90 6.70 7.15
CA VAL A 37 -11.57 7.31 7.20
C VAL A 37 -11.66 8.82 7.29
N LYS A 38 -10.90 9.41 8.20
CA LYS A 38 -10.85 10.86 8.36
C LYS A 38 -10.62 11.56 7.03
N GLU A 39 -11.36 12.64 6.79
CA GLU A 39 -11.32 13.32 5.50
C GLU A 39 -9.89 13.55 5.05
N THR A 40 -9.02 13.89 5.99
CA THR A 40 -7.65 14.28 5.68
C THR A 40 -6.79 13.05 5.37
N ASP A 41 -7.27 11.88 5.79
CA ASP A 41 -6.53 10.64 5.60
C ASP A 41 -7.08 9.84 4.43
N LYS A 42 -8.22 10.29 3.90
CA LYS A 42 -8.82 9.66 2.73
C LYS A 42 -7.86 9.70 1.55
N LYS A 43 -7.04 10.74 1.48
CA LYS A 43 -6.05 10.87 0.42
C LYS A 43 -5.08 9.70 0.43
N TRP A 44 -4.54 9.38 1.60
CA TRP A 44 -3.66 8.22 1.76
C TRP A 44 -4.40 6.93 1.44
N ALA A 45 -5.60 6.79 1.99
CA ALA A 45 -6.39 5.58 1.80
C ALA A 45 -6.73 5.38 0.32
N SER A 46 -7.01 6.48 -0.37
CA SER A 46 -7.35 6.41 -1.79
C SER A 46 -6.22 5.81 -2.61
N GLN A 47 -5.02 6.34 -2.41
CA GLN A 47 -3.83 5.80 -3.07
C GLN A 47 -3.59 4.34 -2.70
N TYR A 48 -3.73 4.05 -1.40
CA TYR A 48 -3.57 2.68 -0.91
C TYR A 48 -4.46 1.71 -1.67
N LEU A 49 -5.74 2.05 -1.79
CA LEU A 49 -6.71 1.18 -2.44
C LEU A 49 -6.40 1.01 -3.92
N LYS A 50 -5.94 2.09 -4.54
CA LYS A 50 -5.55 2.05 -5.95
C LYS A 50 -4.39 1.08 -6.16
N ILE A 51 -3.43 1.10 -5.24
CA ILE A 51 -2.31 0.17 -5.28
C ILE A 51 -2.76 -1.26 -5.10
N MET A 52 -3.61 -1.48 -4.10
CA MET A 52 -4.16 -2.81 -3.83
C MET A 52 -4.91 -3.35 -5.05
N GLY A 53 -5.72 -2.49 -5.66
CA GLY A 53 -6.49 -2.88 -6.84
C GLY A 53 -5.56 -3.38 -7.96
N LYS A 54 -4.54 -2.59 -8.26
CA LYS A 54 -3.61 -2.94 -9.33
C LYS A 54 -2.89 -4.26 -9.03
N ILE A 55 -2.51 -4.44 -7.77
CA ILE A 55 -1.82 -5.65 -7.35
C ILE A 55 -2.71 -6.88 -7.51
N LEU A 56 -3.99 -6.72 -7.18
CA LEU A 56 -4.94 -7.83 -7.26
C LEU A 56 -4.79 -8.58 -8.57
N ASP A 57 -4.61 -7.84 -9.65
CA ASP A 57 -4.56 -8.44 -10.99
C ASP A 57 -3.11 -8.67 -11.43
N GLN A 58 -2.21 -7.80 -10.99
CA GLN A 58 -0.85 -7.80 -11.48
C GLN A 58 0.05 -8.68 -10.61
N GLY A 59 -0.52 -9.26 -9.57
CA GLY A 59 0.17 -10.24 -8.75
C GLY A 59 1.41 -9.63 -8.10
N GLU A 60 2.55 -10.30 -8.25
CA GLU A 60 3.79 -9.87 -7.61
C GLU A 60 4.58 -8.95 -8.51
N ASP A 61 4.09 -8.74 -9.73
CA ASP A 61 4.83 -7.99 -10.73
C ASP A 61 4.80 -6.50 -10.45
N PHE A 62 3.62 -6.00 -10.09
CA PHE A 62 3.42 -4.57 -9.90
C PHE A 62 4.08 -4.08 -8.61
N PRO A 63 3.87 -4.82 -7.53
CA PRO A 63 4.58 -4.56 -6.28
C PRO A 63 6.05 -4.30 -6.52
N ALA A 64 6.73 -5.26 -7.16
CA ALA A 64 8.17 -5.17 -7.37
C ALA A 64 8.53 -3.94 -8.19
N SER A 65 7.72 -3.65 -9.21
CA SER A 65 7.96 -2.50 -10.07
C SER A 65 7.89 -1.20 -9.28
N GLU A 66 6.89 -1.08 -8.42
CA GLU A 66 6.71 0.12 -7.62
C GLU A 66 7.77 0.22 -6.53
N LEU A 67 8.11 -0.91 -5.93
CA LEU A 67 9.12 -0.95 -4.88
C LEU A 67 10.47 -0.49 -5.40
N ALA A 68 10.80 -0.89 -6.62
CA ALA A 68 12.02 -0.44 -7.28
C ALA A 68 12.00 1.07 -7.47
N ARG A 69 10.85 1.60 -7.89
CA ARG A 69 10.69 3.04 -8.04
C ARG A 69 10.88 3.77 -6.71
N ILE A 70 10.22 3.25 -5.67
CA ILE A 70 10.30 3.86 -4.35
C ILE A 70 11.72 3.82 -3.81
N SER A 71 12.40 2.70 -4.01
CA SER A 71 13.78 2.54 -3.56
C SER A 71 14.69 3.60 -4.17
N LYS A 72 14.55 3.81 -5.47
CA LYS A 72 15.36 4.79 -6.19
C LYS A 72 15.10 6.20 -5.65
N LEU A 73 13.83 6.50 -5.38
CA LEU A 73 13.45 7.80 -4.87
C LEU A 73 14.08 8.07 -3.50
N ILE A 74 14.17 7.01 -2.69
CA ILE A 74 14.79 7.12 -1.38
C ILE A 74 16.26 7.51 -1.50
N GLU A 75 16.95 6.91 -2.46
CA GLU A 75 18.36 7.20 -2.69
C GLU A 75 18.56 8.59 -3.28
N ASN A 76 17.63 8.98 -4.15
CA ASN A 76 17.77 10.23 -4.89
C ASN A 76 17.50 11.44 -4.00
N LYS A 77 18.11 12.56 -4.33
CA LYS A 77 17.82 13.83 -3.67
C LYS A 77 16.43 14.34 -4.06
N MET A 78 15.65 14.70 -3.06
CA MET A 78 14.27 15.14 -3.29
C MET A 78 13.93 16.36 -2.43
N SER A 79 12.95 17.14 -2.89
CA SER A 79 12.45 18.26 -2.12
C SER A 79 11.60 17.80 -0.94
N GLU A 80 11.40 18.69 0.02
CA GLU A 80 10.65 18.35 1.23
C GLU A 80 9.22 17.97 0.90
N GLY A 81 8.64 18.67 -0.07
CA GLY A 81 7.28 18.36 -0.52
C GLY A 81 7.20 16.96 -1.12
N LYS A 82 8.22 16.59 -1.89
CA LYS A 82 8.23 15.30 -2.56
C LYS A 82 8.59 14.18 -1.60
N LYS A 83 9.34 14.51 -0.55
CA LYS A 83 9.66 13.56 0.50
C LYS A 83 8.39 13.04 1.17
N GLU A 84 7.44 13.93 1.43
CA GLU A 84 6.15 13.56 1.99
C GLU A 84 5.44 12.55 1.09
N GLU A 85 5.39 12.87 -0.21
CA GLU A 85 4.81 11.95 -1.19
C GLU A 85 5.48 10.59 -1.15
N LEU A 86 6.81 10.60 -1.04
CA LEU A 86 7.58 9.36 -0.95
C LEU A 86 7.23 8.58 0.30
N GLN A 87 7.21 9.26 1.43
CA GLN A 87 6.96 8.62 2.71
C GLN A 87 5.57 7.97 2.75
N ARG A 88 4.60 8.67 2.18
CA ARG A 88 3.24 8.13 2.07
C ARG A 88 3.21 6.91 1.16
N SER A 89 3.85 7.02 0.00
CA SER A 89 3.88 5.93 -0.96
C SER A 89 4.64 4.73 -0.42
N LEU A 90 5.75 5.00 0.27
CA LEU A 90 6.57 3.94 0.84
C LEU A 90 5.76 3.06 1.77
N ASN A 91 5.04 3.69 2.69
CA ASN A 91 4.24 2.96 3.67
C ASN A 91 3.18 2.10 2.97
N ILE A 92 2.58 2.65 1.92
CA ILE A 92 1.56 1.94 1.17
C ILE A 92 2.13 0.70 0.50
N LEU A 93 3.26 0.86 -0.18
CA LEU A 93 3.87 -0.22 -0.94
C LEU A 93 4.51 -1.24 -0.01
N THR A 94 5.10 -0.75 1.08
CA THR A 94 5.73 -1.61 2.08
C THR A 94 4.71 -2.56 2.69
N ALA A 95 3.49 -2.07 2.88
CA ALA A 95 2.41 -2.88 3.44
C ALA A 95 2.19 -4.14 2.61
N PHE A 96 2.52 -4.06 1.32
CA PHE A 96 2.30 -5.17 0.41
C PHE A 96 3.59 -5.96 0.17
N ARG A 97 4.61 -5.65 0.97
CA ARG A 97 5.89 -6.34 0.85
C ARG A 97 5.75 -7.82 1.19
N LYS A 98 6.17 -8.67 0.27
CA LYS A 98 6.11 -10.11 0.47
C LYS A 98 6.99 -10.55 1.62
N LYS A 99 6.48 -11.45 2.45
CA LYS A 99 7.21 -11.91 3.62
C LYS A 99 8.60 -12.41 3.25
N GLY A 100 9.61 -11.91 3.94
CA GLY A 100 10.98 -12.34 3.72
C GLY A 100 11.72 -11.35 2.82
N ALA A 101 10.96 -10.53 2.11
CA ALA A 101 11.54 -9.54 1.20
C ALA A 101 12.22 -8.42 1.96
N GLU A 102 13.29 -7.88 1.38
CA GLU A 102 14.03 -6.79 2.00
C GLU A 102 13.14 -5.56 2.20
N LYS A 103 13.24 -4.95 3.37
CA LYS A 103 12.48 -3.74 3.67
C LYS A 103 13.30 -2.49 3.39
N GLU A 104 12.70 -1.52 2.72
CA GLU A 104 13.35 -0.24 2.46
C GLU A 104 13.26 0.67 3.68
N GLU A 105 14.28 1.51 3.86
CA GLU A 105 14.31 2.44 4.98
C GLU A 105 14.24 3.88 4.51
N LEU A 106 13.66 4.73 5.35
CA LEU A 106 13.53 6.15 5.02
C LEU A 106 13.22 6.98 6.27
N PRO A 1 -1.37 9.08 8.11
CA PRO A 1 -2.42 8.11 7.82
C PRO A 1 -2.77 7.29 9.06
N GLY A 2 -3.68 7.81 9.86
CA GLY A 2 -4.05 7.18 11.13
C GLY A 2 -4.87 5.91 10.89
N CYS A 3 -5.24 5.68 9.64
CA CYS A 3 -6.00 4.48 9.27
C CYS A 3 -5.07 3.36 8.82
N LEU A 4 -3.79 3.68 8.67
CA LEU A 4 -2.84 2.75 8.08
C LEU A 4 -2.86 1.41 8.81
N PRO A 5 -2.91 1.46 10.13
CA PRO A 5 -2.90 0.24 10.94
C PRO A 5 -3.94 -0.76 10.46
N ALA A 6 -5.11 -0.24 10.08
CA ALA A 6 -6.21 -1.09 9.66
C ALA A 6 -5.97 -1.65 8.26
N TYR A 7 -5.45 -0.81 7.37
CA TYR A 7 -5.21 -1.19 5.98
C TYR A 7 -4.01 -2.12 5.87
N ASP A 8 -3.08 -2.00 6.81
CA ASP A 8 -1.94 -2.90 6.89
C ASP A 8 -2.39 -4.31 7.25
N ALA A 9 -3.35 -4.40 8.16
CA ALA A 9 -3.97 -5.69 8.49
C ALA A 9 -4.64 -6.31 7.28
N LEU A 10 -5.31 -5.47 6.49
CA LEU A 10 -5.93 -5.92 5.24
C LEU A 10 -4.87 -6.36 4.23
N ALA A 11 -3.77 -5.62 4.17
CA ALA A 11 -2.65 -5.97 3.29
C ALA A 11 -2.12 -7.36 3.61
N GLY A 12 -2.03 -7.68 4.89
CA GLY A 12 -1.66 -9.03 5.33
C GLY A 12 -2.57 -10.08 4.69
N GLN A 13 -3.86 -9.96 4.92
CA GLN A 13 -4.83 -10.90 4.38
C GLN A 13 -4.80 -10.90 2.85
N PHE A 14 -4.58 -9.73 2.27
CA PHE A 14 -4.51 -9.59 0.82
C PHE A 14 -3.44 -10.49 0.23
N ILE A 15 -2.24 -10.44 0.80
CA ILE A 15 -1.12 -11.21 0.31
C ILE A 15 -1.26 -12.68 0.68
N GLU A 16 -1.72 -12.94 1.90
CA GLU A 16 -1.86 -14.30 2.39
C GLU A 16 -2.88 -15.08 1.56
N ALA A 17 -3.96 -14.41 1.19
CA ALA A 17 -5.02 -15.05 0.41
C ALA A 17 -4.48 -15.56 -0.92
N SER A 18 -4.85 -16.79 -1.27
CA SER A 18 -4.47 -17.38 -2.55
C SER A 18 -5.54 -17.13 -3.61
N SER A 19 -6.74 -16.76 -3.16
CA SER A 19 -7.87 -16.56 -4.06
C SER A 19 -7.99 -15.11 -4.48
N ARG A 20 -7.96 -14.87 -5.78
CA ARG A 20 -8.11 -13.53 -6.32
C ARG A 20 -9.41 -12.89 -5.84
N GLU A 21 -10.48 -13.67 -5.83
CA GLU A 21 -11.79 -13.17 -5.40
C GLU A 21 -11.77 -12.79 -3.92
N ALA A 22 -11.11 -13.61 -3.12
CA ALA A 22 -10.95 -13.30 -1.70
C ALA A 22 -10.18 -12.00 -1.50
N ARG A 23 -9.15 -11.81 -2.32
CA ARG A 23 -8.35 -10.59 -2.25
C ARG A 23 -9.18 -9.37 -2.63
N GLN A 24 -10.07 -9.53 -3.60
CA GLN A 24 -10.98 -8.47 -3.99
C GLN A 24 -11.93 -8.11 -2.85
N ALA A 25 -12.36 -9.13 -2.11
CA ALA A 25 -13.19 -8.91 -0.92
C ALA A 25 -12.44 -8.09 0.13
N ILE A 26 -11.16 -8.41 0.31
CA ILE A 26 -10.30 -7.66 1.22
C ILE A 26 -10.21 -6.20 0.81
N LEU A 27 -10.06 -5.96 -0.49
CA LEU A 27 -10.06 -4.60 -1.03
C LEU A 27 -11.37 -3.88 -0.70
N LYS A 28 -12.49 -4.56 -0.98
CA LYS A 28 -13.81 -3.99 -0.71
C LYS A 28 -13.93 -3.57 0.74
N GLN A 29 -13.50 -4.44 1.64
CA GLN A 29 -13.56 -4.15 3.08
C GLN A 29 -12.84 -2.84 3.40
N GLY A 30 -11.70 -2.62 2.75
CA GLY A 30 -10.99 -1.36 2.86
C GLY A 30 -11.82 -0.21 2.31
N GLN A 31 -12.47 -0.44 1.18
CA GLN A 31 -13.28 0.59 0.54
C GLN A 31 -14.45 0.98 1.41
N ASP A 32 -15.03 0.01 2.11
CA ASP A 32 -16.12 0.28 3.04
C ASP A 32 -15.62 0.90 4.33
N GLY A 33 -14.49 0.40 4.83
CA GLY A 33 -13.87 0.94 6.03
C GLY A 33 -13.39 2.37 5.81
N LEU A 34 -13.16 2.72 4.54
CA LEU A 34 -12.68 4.05 4.20
C LEU A 34 -13.65 5.13 4.69
N SER A 35 -14.93 4.76 4.80
CA SER A 35 -15.96 5.71 5.20
C SER A 35 -15.73 6.20 6.62
N GLY A 36 -14.94 5.46 7.38
CA GLY A 36 -14.66 5.80 8.77
C GLY A 36 -13.30 6.45 8.93
N VAL A 37 -12.65 6.72 7.81
CA VAL A 37 -11.30 7.27 7.81
C VAL A 37 -11.33 8.79 7.84
N LYS A 38 -10.47 9.38 8.67
CA LYS A 38 -10.37 10.84 8.76
C LYS A 38 -10.26 11.46 7.38
N GLU A 39 -10.98 12.55 7.17
CA GLU A 39 -11.06 13.18 5.85
C GLU A 39 -9.67 13.34 5.23
N THR A 40 -8.70 13.68 6.06
CA THR A 40 -7.37 14.00 5.58
C THR A 40 -6.58 12.73 5.24
N ASP A 41 -7.03 11.60 5.80
CA ASP A 41 -6.35 10.33 5.60
C ASP A 41 -7.03 9.52 4.50
N LYS A 42 -8.20 9.97 4.08
CA LYS A 42 -8.90 9.34 2.97
C LYS A 42 -8.06 9.34 1.70
N LYS A 43 -7.23 10.36 1.55
CA LYS A 43 -6.34 10.47 0.40
C LYS A 43 -5.37 9.30 0.34
N TRP A 44 -4.80 8.95 1.49
CA TRP A 44 -3.92 7.80 1.59
C TRP A 44 -4.67 6.50 1.31
N ALA A 45 -5.85 6.36 1.93
CA ALA A 45 -6.67 5.17 1.75
C ALA A 45 -7.06 4.99 0.30
N SER A 46 -7.35 6.10 -0.37
CA SER A 46 -7.71 6.07 -1.79
C SER A 46 -6.57 5.53 -2.64
N GLN A 47 -5.38 6.05 -2.42
CA GLN A 47 -4.19 5.58 -3.12
C GLN A 47 -3.87 4.13 -2.76
N TYR A 48 -4.08 3.78 -1.49
CA TYR A 48 -3.84 2.42 -1.03
C TYR A 48 -4.64 1.41 -1.84
N LEU A 49 -5.94 1.66 -1.96
CA LEU A 49 -6.84 0.70 -2.58
C LEU A 49 -6.61 0.63 -4.09
N LYS A 50 -6.29 1.77 -4.69
CA LYS A 50 -6.01 1.82 -6.12
C LYS A 50 -4.77 1.00 -6.46
N ILE A 51 -3.72 1.15 -5.65
CA ILE A 51 -2.50 0.37 -5.82
C ILE A 51 -2.74 -1.11 -5.54
N MET A 52 -3.50 -1.38 -4.49
CA MET A 52 -3.91 -2.76 -4.19
C MET A 52 -4.56 -3.41 -5.39
N GLY A 53 -5.45 -2.68 -6.05
CA GLY A 53 -6.09 -3.16 -7.27
C GLY A 53 -5.06 -3.59 -8.31
N LYS A 54 -4.10 -2.71 -8.58
CA LYS A 54 -3.06 -2.99 -9.55
C LYS A 54 -2.27 -4.25 -9.17
N ILE A 55 -1.96 -4.36 -7.89
CA ILE A 55 -1.19 -5.51 -7.39
C ILE A 55 -1.94 -6.80 -7.62
N LEU A 56 -3.26 -6.78 -7.39
CA LEU A 56 -4.08 -7.98 -7.51
C LEU A 56 -3.75 -8.74 -8.79
N ASP A 57 -3.62 -8.02 -9.89
CA ASP A 57 -3.46 -8.65 -11.20
C ASP A 57 -1.99 -8.73 -11.59
N GLN A 58 -1.21 -7.76 -11.17
CA GLN A 58 0.17 -7.63 -11.61
C GLN A 58 1.08 -8.62 -10.89
N GLY A 59 0.72 -8.95 -9.66
CA GLY A 59 1.45 -9.95 -8.89
C GLY A 59 2.24 -9.30 -7.76
N GLU A 60 2.78 -10.13 -6.87
CA GLU A 60 3.39 -9.64 -5.64
C GLU A 60 4.78 -9.08 -5.91
N ASP A 61 5.26 -9.27 -7.13
CA ASP A 61 6.55 -8.72 -7.55
C ASP A 61 6.42 -7.27 -8.00
N PHE A 62 5.21 -6.89 -8.41
CA PHE A 62 4.97 -5.57 -8.97
C PHE A 62 5.26 -4.48 -7.95
N PRO A 63 4.67 -4.60 -6.77
CA PRO A 63 4.83 -3.60 -5.72
C PRO A 63 6.22 -3.69 -5.08
N ALA A 64 6.85 -4.85 -5.25
CA ALA A 64 8.23 -5.03 -4.80
C ALA A 64 9.20 -4.20 -5.62
N SER A 65 8.99 -4.20 -6.94
CA SER A 65 9.78 -3.37 -7.85
C SER A 65 9.48 -1.89 -7.63
N GLU A 66 8.21 -1.56 -7.51
CA GLU A 66 7.78 -0.18 -7.30
C GLU A 66 8.26 0.35 -5.96
N LEU A 67 8.24 -0.51 -4.95
CA LEU A 67 8.71 -0.14 -3.62
C LEU A 67 10.16 0.32 -3.65
N ALA A 68 11.01 -0.47 -4.30
CA ALA A 68 12.41 -0.12 -4.45
C ALA A 68 12.57 1.21 -5.17
N ARG A 69 11.77 1.42 -6.20
CA ARG A 69 11.81 2.67 -6.96
C ARG A 69 11.51 3.87 -6.06
N ILE A 70 10.42 3.77 -5.30
CA ILE A 70 10.00 4.86 -4.42
C ILE A 70 11.04 5.16 -3.36
N SER A 71 11.59 4.10 -2.76
CA SER A 71 12.60 4.25 -1.73
C SER A 71 13.83 4.99 -2.24
N LYS A 72 14.26 4.63 -3.45
CA LYS A 72 15.42 5.25 -4.07
C LYS A 72 15.16 6.74 -4.33
N LEU A 73 13.95 7.05 -4.76
CA LEU A 73 13.56 8.44 -5.02
C LEU A 73 13.60 9.27 -3.74
N ILE A 74 13.19 8.65 -2.64
CA ILE A 74 13.21 9.31 -1.34
C ILE A 74 14.64 9.52 -0.84
N GLU A 75 15.45 8.49 -0.98
CA GLU A 75 16.85 8.56 -0.55
C GLU A 75 17.61 9.63 -1.33
N ASN A 76 17.30 9.75 -2.62
CA ASN A 76 17.99 10.69 -3.48
C ASN A 76 17.61 12.13 -3.13
N LYS A 77 18.31 13.08 -3.74
CA LYS A 77 18.06 14.50 -3.47
C LYS A 77 16.79 14.97 -4.15
N MET A 78 15.65 14.50 -3.64
CA MET A 78 14.35 14.85 -4.20
C MET A 78 13.80 16.13 -3.58
N SER A 79 13.12 16.93 -4.38
CA SER A 79 12.44 18.12 -3.88
C SER A 79 11.41 17.76 -2.81
N GLU A 80 11.29 18.62 -1.81
CA GLU A 80 10.32 18.41 -0.74
C GLU A 80 8.90 18.34 -1.28
N GLY A 81 8.68 18.96 -2.43
CA GLY A 81 7.36 19.06 -3.02
C GLY A 81 6.83 17.69 -3.42
N LYS A 82 7.73 16.72 -3.52
CA LYS A 82 7.37 15.38 -3.93
C LYS A 82 7.46 14.39 -2.78
N LYS A 83 7.96 14.88 -1.65
CA LYS A 83 8.28 14.01 -0.51
C LYS A 83 7.05 13.27 -0.01
N GLU A 84 5.97 14.01 0.20
CA GLU A 84 4.75 13.44 0.76
C GLU A 84 4.17 12.36 -0.15
N GLU A 85 4.21 12.61 -1.45
CA GLU A 85 3.69 11.67 -2.43
C GLU A 85 4.46 10.35 -2.39
N LEU A 86 5.77 10.45 -2.25
CA LEU A 86 6.64 9.27 -2.23
C LEU A 86 6.43 8.47 -0.96
N GLN A 87 6.35 9.17 0.17
CA GLN A 87 6.26 8.50 1.47
C GLN A 87 4.92 7.78 1.62
N ARG A 88 3.86 8.38 1.09
CA ARG A 88 2.56 7.73 1.03
C ARG A 88 2.61 6.45 0.21
N SER A 89 3.19 6.55 -0.98
CA SER A 89 3.38 5.38 -1.84
C SER A 89 4.28 4.36 -1.17
N LEU A 90 5.31 4.82 -0.48
CA LEU A 90 6.22 3.94 0.23
C LEU A 90 5.47 3.05 1.21
N ASN A 91 4.68 3.68 2.09
CA ASN A 91 3.97 2.94 3.13
C ASN A 91 2.98 1.96 2.54
N ILE A 92 2.30 2.37 1.48
CA ILE A 92 1.32 1.53 0.81
C ILE A 92 1.97 0.30 0.20
N LEU A 93 3.02 0.51 -0.60
CA LEU A 93 3.71 -0.57 -1.27
C LEU A 93 4.40 -1.48 -0.26
N THR A 94 4.95 -0.89 0.80
CA THR A 94 5.61 -1.65 1.85
C THR A 94 4.64 -2.64 2.51
N ALA A 95 3.39 -2.21 2.66
CA ALA A 95 2.36 -3.06 3.27
C ALA A 95 2.22 -4.38 2.51
N PHE A 96 2.61 -4.37 1.24
CA PHE A 96 2.47 -5.55 0.40
C PHE A 96 3.82 -6.22 0.17
N ARG A 97 4.77 -5.93 1.05
CA ARG A 97 6.13 -6.45 0.90
C ARG A 97 6.12 -7.95 0.64
N LYS A 98 6.83 -8.37 -0.40
CA LYS A 98 6.88 -9.78 -0.77
C LYS A 98 7.45 -10.62 0.37
N LYS A 99 6.84 -11.79 0.58
CA LYS A 99 7.27 -12.69 1.65
C LYS A 99 8.77 -12.94 1.59
N GLY A 100 9.42 -12.88 2.74
CA GLY A 100 10.85 -13.18 2.83
C GLY A 100 11.68 -11.89 2.89
N ALA A 101 11.06 -10.79 2.49
CA ALA A 101 11.72 -9.49 2.53
C ALA A 101 11.24 -8.65 3.69
N GLU A 102 12.14 -7.88 4.28
CA GLU A 102 11.81 -7.01 5.40
C GLU A 102 11.21 -5.70 4.91
N LYS A 103 10.27 -5.16 5.67
CA LYS A 103 9.62 -3.90 5.33
C LYS A 103 10.62 -2.75 5.35
N GLU A 104 10.46 -1.81 4.42
CA GLU A 104 11.34 -0.64 4.36
C GLU A 104 10.65 0.59 4.93
N GLU A 105 11.44 1.52 5.44
CA GLU A 105 10.92 2.81 5.90
C GLU A 105 11.95 3.91 5.70
N LEU A 106 11.50 5.02 5.11
CA LEU A 106 12.39 6.16 4.87
C LEU A 106 11.74 7.47 5.32
#